data_3TO4
#
_entry.id   3TO4
#
_cell.length_a   59.211
_cell.length_b   82.594
_cell.length_c   238.482
_cell.angle_alpha   90.00
_cell.angle_beta   90.00
_cell.angle_gamma   90.00
#
_symmetry.space_group_name_H-M   'P 21 21 21'
#
loop_
_entity.id
_entity.type
_entity.pdbx_description
1 polymer 'Antigen-presenting glycoprotein CD1d1'
2 polymer 'Beta-2 microglobulin'
3 polymer 'NKT Valpha14 (MOUSE VARIABLE DOMAIN, HUMAN CONSTANT DOMAIN)'
4 polymer 'NKT Vbeta2 (MOUSE VARIABLE DOMAIN, HUMAN CONSTANT DOMAIN)'
5 branched 2-acetamido-2-deoxy-beta-D-glucopyranose-(1-4)-2-acetamido-2-deoxy-beta-D-glucopyranose
6 non-polymer N-{(1S,2R,3S)-1-[(ALPHA-D-GALACTOPYRANOSYLOXY)METHYL]-2,3-DIHYDROXYHEPTADECYL}HEXACOSANAMIDE
7 non-polymer 2-acetamido-2-deoxy-beta-D-glucopyranose
8 water water
#
loop_
_entity_poly.entity_id
_entity_poly.type
_entity_poly.pdbx_seq_one_letter_code
_entity_poly.pdbx_strand_id
1 'polypeptide(L)'
;SEAQQKNYTFRCLQMSSFANRSWSRTDSVVWLGDLQTHRWSNDSATISFTKPWSQGKLSNQQWEKLQHMFQVYRVSFTRD
IQELVKMMSPKEDYPIEIQLSAGCEMYPGNASESFLHVAFQGKYVVRFWGTSWQTVPGAPSWLDLPIKVLNADQGTSATV
QMLLNDTCPLFVRGLLEAGKSDLEKQEKPVAWLSSVPSSAHGHRQLVCHVSGFYPKPVWVMWMRGDQEQQGTHRGDFLPN
ADETWYLQATLDVEAGEEAGLACRVKHSSLGGQDIILYWGSLHHILDAQKMVWNHRHHHHHH
;
A
2 'polypeptide(L)'
;IQKTPQIQVYSRHPPENGKPNILNCYVTQFHPPHIEIQMLKNGKKIPKVEMSDMSFSKDWSFYILAHTEFTPTETDTYAC
RVKHASMAEPKTVYWDRDM
;
B
3 'polypeptide(L)'
;TQVEQSPQSLVVRQGENSVLQCNYSVTPDNHLRWFKQDTGKGLVSLTVLVDQKDKTSNGRYSATLDKDAKHSTLHITATL
LDDTATYICVVGDRGSALGRLHFGAGTQLIVIPDIQNPDPAVYQLRDSKSSDKSVCLFTDFDSQTNVSQSKDSDVYITDK
TVLDMRSMDFKSNSAVAWSNKSDFACANAFNNSIIPEDTFFPSPENDGGGCK
;
C
4 'polypeptide(L)'
;VTLLEQNPRWRLVPRGQAVNLRCILKNSQYPWMSWYQQDLQKQLQWLFTLRSPGDKEVKSLPGADYLATRVTDTELRLQV
ANMSQGRTLYCTSSADHWTNTGQLYFGEGSKLTVLEDLKNVFPPEVAVFEPSEAEISHTQKATLVCLATGFYPDHVELSW
WVNGKEVHSGVSTDPQPLKEQPALNDSRYALSSRLRVSATFWQNPRNHFRCQVQFYGLSENDEWTQDRAKPVTQIVSAEA
WGRADQDRGGGCD
;
D
#
loop_
_chem_comp.id
_chem_comp.type
_chem_comp.name
_chem_comp.formula
AGH D-saccharide N-{(1S,2R,3S)-1-[(ALPHA-D-GALACTOPYRANOSYLOXY)METHYL]-2,3-DIHYDROXYHEPTADECYL}HEXACOSANAMIDE 'C50 H99 N O9'
NAG D-saccharide, beta linking 2-acetamido-2-deoxy-beta-D-glucopyranose 'C8 H15 N O6'
#
# COMPACT_ATOMS: atom_id res chain seq x y z
N TYR A 8 29.35 23.17 -10.31
CA TYR A 8 28.52 22.73 -9.14
C TYR A 8 27.68 21.50 -9.43
N THR A 9 27.69 20.55 -8.49
CA THR A 9 26.94 19.31 -8.64
C THR A 9 25.95 19.13 -7.50
N PHE A 10 24.68 19.29 -7.84
CA PHE A 10 23.56 19.12 -6.93
C PHE A 10 23.26 17.64 -6.83
N ARG A 11 23.13 17.14 -5.61
CA ARG A 11 22.82 15.74 -5.37
C ARG A 11 21.98 15.57 -4.11
N CYS A 12 20.88 14.83 -4.26
CA CYS A 12 20.05 14.40 -3.13
C CYS A 12 20.40 12.95 -2.87
N LEU A 13 20.72 12.66 -1.61
CA LEU A 13 21.14 11.32 -1.23
C LEU A 13 20.13 10.69 -0.29
N GLN A 14 19.86 9.39 -0.47
CA GLN A 14 18.86 8.72 0.35
C GLN A 14 19.35 7.38 0.90
N MET A 15 19.27 7.24 2.21
CA MET A 15 19.72 6.03 2.90
C MET A 15 18.51 5.30 3.47
N SER A 16 18.24 4.11 2.94
CA SER A 16 17.10 3.29 3.37
C SER A 16 17.56 1.97 3.98
N SER A 17 17.25 1.76 5.26
CA SER A 17 17.59 0.53 5.93
C SER A 17 16.35 -0.32 6.15
N PHE A 18 16.43 -1.58 5.75
CA PHE A 18 15.35 -2.53 5.99
C PHE A 18 15.91 -3.70 6.80
N ALA A 19 15.58 -3.71 8.10
CA ALA A 19 16.20 -4.67 9.03
C ALA A 19 15.50 -6.01 9.02
N ASN A 20 14.17 -5.97 8.97
CA ASN A 20 13.35 -7.16 8.93
C ASN A 20 11.98 -6.83 8.33
N ARG A 21 11.00 -7.69 8.61
CA ARG A 21 9.66 -7.54 8.06
C ARG A 21 9.00 -6.25 8.56
N SER A 22 9.23 -5.93 9.82
CA SER A 22 8.61 -4.77 10.47
C SER A 22 9.45 -3.48 10.44
N TRP A 23 10.74 -3.60 10.77
CA TRP A 23 11.59 -2.44 11.01
C TRP A 23 12.19 -1.87 9.73
N SER A 24 12.04 -0.54 9.59
CA SER A 24 12.70 0.22 8.51
C SER A 24 12.73 1.70 8.79
N ARG A 25 13.80 2.36 8.36
CA ARG A 25 13.93 3.80 8.41
C ARG A 25 14.50 4.31 7.09
N THR A 26 14.37 5.61 6.84
CA THR A 26 14.89 6.23 5.62
C THR A 26 15.19 7.71 5.86
N ASP A 27 16.45 8.08 5.67
CA ASP A 27 16.93 9.44 5.92
C ASP A 27 17.59 10.04 4.68
N SER A 28 17.51 11.37 4.57
CA SER A 28 18.00 12.06 3.39
C SER A 28 18.83 13.28 3.71
N VAL A 29 19.79 13.55 2.83
CA VAL A 29 20.59 14.76 2.87
C VAL A 29 20.76 15.29 1.46
N VAL A 30 20.84 16.61 1.33
CA VAL A 30 20.94 17.26 0.02
C VAL A 30 22.16 18.20 -0.03
N TRP A 31 22.99 18.02 -1.04
CA TRP A 31 24.23 18.77 -1.18
C TRP A 31 24.27 19.62 -2.44
N LEU A 32 24.67 20.87 -2.29
CA LEU A 32 25.03 21.69 -3.44
C LEU A 32 26.52 21.98 -3.35
N GLY A 33 27.31 21.32 -4.19
CA GLY A 33 28.75 21.35 -4.06
C GLY A 33 29.13 20.67 -2.76
N ASP A 34 29.94 21.35 -1.95
CA ASP A 34 30.32 20.81 -0.65
C ASP A 34 29.56 21.49 0.50
N LEU A 35 28.35 21.96 0.21
CA LEU A 35 27.48 22.57 1.21
C LEU A 35 26.14 21.83 1.31
N GLN A 36 25.84 21.37 2.53
CA GLN A 36 24.57 20.70 2.81
C GLN A 36 23.45 21.74 2.88
N THR A 37 22.35 21.45 2.19
CA THR A 37 21.24 22.40 2.06
C THR A 37 19.96 21.92 2.76
N HIS A 38 19.75 20.60 2.77
CA HIS A 38 18.56 20.00 3.38
C HIS A 38 18.87 18.74 4.17
N ARG A 39 18.02 18.45 5.16
CA ARG A 39 18.11 17.25 5.98
C ARG A 39 16.70 16.68 6.15
N TRP A 40 16.48 15.44 5.73
CA TRP A 40 15.18 14.80 5.93
C TRP A 40 15.25 13.51 6.75
N SER A 41 15.15 13.67 8.07
CA SER A 41 15.16 12.54 8.99
C SER A 41 13.89 11.70 8.88
N ASN A 42 14.03 10.38 9.07
CA ASN A 42 12.88 9.47 9.16
C ASN A 42 11.87 10.01 10.17
N ASP A 43 12.39 10.47 11.31
CA ASP A 43 11.59 10.92 12.46
C ASP A 43 10.71 12.12 12.14
N SER A 44 11.15 12.95 11.19
CA SER A 44 10.42 14.16 10.84
C SER A 44 9.48 13.98 9.64
N ALA A 45 8.31 14.62 9.73
CA ALA A 45 7.32 14.58 8.65
C ALA A 45 7.69 15.51 7.48
N THR A 46 8.35 16.62 7.81
CA THR A 46 8.74 17.64 6.84
C THR A 46 10.22 17.60 6.52
N ILE A 47 10.64 18.34 5.49
CA ILE A 47 12.04 18.43 5.07
C ILE A 47 12.69 19.69 5.64
N SER A 48 13.73 19.51 6.45
CA SER A 48 14.39 20.63 7.16
C SER A 48 15.35 21.41 6.27
N PHE A 49 15.44 22.72 6.50
CA PHE A 49 16.46 23.56 5.85
C PHE A 49 17.70 23.66 6.73
N THR A 50 18.87 23.51 6.12
CA THR A 50 20.13 23.74 6.85
C THR A 50 20.75 25.11 6.56
N LYS A 51 20.27 25.78 5.52
CA LYS A 51 20.70 27.14 5.18
C LYS A 51 19.48 28.06 5.06
N PRO A 52 19.69 29.39 5.14
CA PRO A 52 18.59 30.33 4.90
C PRO A 52 18.07 30.30 3.46
N TRP A 53 18.98 30.07 2.51
CA TRP A 53 18.66 30.09 1.09
C TRP A 53 18.20 28.73 0.53
N SER A 54 17.90 27.79 1.43
CA SER A 54 17.56 26.42 1.04
C SER A 54 16.27 26.28 0.25
N GLN A 55 15.40 27.29 0.29
CA GLN A 55 14.16 27.27 -0.49
C GLN A 55 14.41 27.65 -1.96
N GLY A 56 15.59 28.21 -2.23
CA GLY A 56 15.97 28.60 -3.58
C GLY A 56 15.20 29.82 -4.01
N LYS A 57 14.57 29.73 -5.18
CA LYS A 57 13.76 30.82 -5.70
C LYS A 57 12.29 30.43 -5.78
N LEU A 58 11.98 29.19 -5.41
CA LEU A 58 10.60 28.69 -5.39
C LEU A 58 9.74 29.53 -4.46
N SER A 59 8.45 29.62 -4.77
CA SER A 59 7.49 30.28 -3.87
C SER A 59 6.83 29.22 -2.98
N ASN A 60 6.39 29.64 -1.80
CA ASN A 60 5.81 28.74 -0.79
C ASN A 60 4.86 27.66 -1.33
N GLN A 61 3.98 28.05 -2.27
CA GLN A 61 3.03 27.11 -2.88
C GLN A 61 3.75 26.04 -3.68
N GLN A 62 4.73 26.46 -4.48
CA GLN A 62 5.57 25.55 -5.27
C GLN A 62 6.41 24.60 -4.41
N TRP A 63 6.89 25.09 -3.26
CA TRP A 63 7.66 24.26 -2.32
C TRP A 63 6.78 23.23 -1.64
N GLU A 64 5.65 23.69 -1.10
CA GLU A 64 4.67 22.82 -0.43
C GLU A 64 4.26 21.64 -1.31
N LYS A 65 3.98 21.93 -2.58
CA LYS A 65 3.61 20.91 -3.58
C LYS A 65 4.69 19.83 -3.74
N LEU A 66 5.94 20.27 -3.77
CA LEU A 66 7.07 19.38 -3.94
C LEU A 66 7.30 18.55 -2.68
N GLN A 67 7.11 19.16 -1.52
CA GLN A 67 7.29 18.45 -0.26
C GLN A 67 6.22 17.37 -0.07
N HIS A 68 5.00 17.66 -0.47
CA HIS A 68 3.90 16.70 -0.43
C HIS A 68 4.15 15.59 -1.45
N MET A 69 4.72 15.98 -2.58
CA MET A 69 5.15 15.06 -3.64
C MET A 69 6.15 14.05 -3.08
N PHE A 70 7.09 14.54 -2.29
CA PHE A 70 8.11 13.69 -1.63
C PHE A 70 7.58 12.91 -0.43
N GLN A 71 6.63 13.49 0.30
CA GLN A 71 6.03 12.83 1.46
C GLN A 71 5.28 11.56 1.07
N VAL A 72 4.58 11.61 -0.05
CA VAL A 72 3.88 10.45 -0.58
C VAL A 72 4.94 9.43 -1.00
N TYR A 73 5.93 9.90 -1.74
CA TYR A 73 7.05 9.08 -2.19
C TYR A 73 7.69 8.25 -1.07
N ARG A 74 8.02 8.89 0.05
CA ARG A 74 8.75 8.21 1.12
C ARG A 74 7.98 7.03 1.69
N VAL A 75 6.67 7.21 1.82
CA VAL A 75 5.78 6.17 2.35
C VAL A 75 5.53 5.07 1.32
N SER A 76 5.34 5.46 0.07
CA SER A 76 5.11 4.52 -1.03
C SER A 76 6.34 3.69 -1.35
N PHE A 77 7.51 4.31 -1.27
CA PHE A 77 8.81 3.66 -1.49
C PHE A 77 9.02 2.50 -0.50
N THR A 78 8.82 2.80 0.78
CA THR A 78 8.99 1.81 1.85
C THR A 78 8.08 0.61 1.67
N ARG A 79 6.84 0.83 1.23
CA ARG A 79 5.94 -0.28 0.96
C ARG A 79 6.40 -1.04 -0.27
N ASP A 80 6.76 -0.30 -1.32
CA ASP A 80 7.15 -0.91 -2.59
C ASP A 80 8.34 -1.85 -2.45
N ILE A 81 9.37 -1.38 -1.75
CA ILE A 81 10.57 -2.18 -1.52
C ILE A 81 10.26 -3.47 -0.75
N GLN A 82 9.44 -3.35 0.30
CA GLN A 82 9.10 -4.52 1.12
C GLN A 82 8.21 -5.56 0.44
N GLU A 83 7.72 -5.24 -0.76
CA GLU A 83 7.00 -6.21 -1.56
C GLU A 83 7.91 -6.80 -2.63
N LEU A 84 8.81 -5.99 -3.18
CA LEU A 84 9.76 -6.45 -4.20
C LEU A 84 10.83 -7.36 -3.61
N VAL A 85 11.22 -7.06 -2.37
CA VAL A 85 12.17 -7.87 -1.61
C VAL A 85 11.76 -9.35 -1.58
N LYS A 86 10.48 -9.61 -1.80
CA LYS A 86 9.97 -10.98 -1.84
C LYS A 86 10.31 -11.70 -3.15
N MET A 87 10.84 -10.97 -4.13
CA MET A 87 11.19 -11.56 -5.43
C MET A 87 12.67 -11.89 -5.57
N MET A 88 13.49 -11.39 -4.65
CA MET A 88 14.93 -11.59 -4.74
C MET A 88 15.39 -13.03 -4.42
N SER A 89 16.60 -13.34 -4.87
CA SER A 89 17.24 -14.61 -4.55
C SER A 89 18.42 -14.37 -3.60
N PRO A 90 18.39 -15.00 -2.40
CA PRO A 90 17.27 -15.80 -1.90
C PRO A 90 16.17 -14.94 -1.30
N LYS A 91 14.96 -15.48 -1.20
CA LYS A 91 13.78 -14.75 -0.70
C LYS A 91 14.07 -13.96 0.57
N GLU A 92 13.82 -12.66 0.50
CA GLU A 92 13.94 -11.73 1.63
C GLU A 92 15.26 -11.88 2.39
N ASP A 93 16.30 -11.24 1.86
CA ASP A 93 17.66 -11.45 2.34
C ASP A 93 18.08 -10.43 3.41
N TYR A 94 17.23 -10.26 4.43
CA TYR A 94 17.44 -9.26 5.48
C TYR A 94 18.74 -9.49 6.26
N PRO A 95 19.44 -8.39 6.64
CA PRO A 95 19.10 -6.99 6.38
C PRO A 95 19.33 -6.56 4.93
N ILE A 96 18.72 -5.44 4.55
CA ILE A 96 18.84 -4.88 3.21
C ILE A 96 19.05 -3.37 3.32
N GLU A 97 20.05 -2.87 2.60
CA GLU A 97 20.29 -1.44 2.49
C GLU A 97 20.03 -1.00 1.07
N ILE A 98 19.30 0.10 0.92
CA ILE A 98 19.08 0.71 -0.38
C ILE A 98 19.59 2.14 -0.33
N GLN A 99 20.34 2.52 -1.36
CA GLN A 99 20.88 3.86 -1.50
C GLN A 99 20.46 4.49 -2.82
N LEU A 100 20.13 5.77 -2.76
CA LEU A 100 19.64 6.52 -3.91
C LEU A 100 20.39 7.83 -4.05
N SER A 101 20.93 8.05 -5.23
CA SER A 101 21.64 9.29 -5.51
C SER A 101 21.06 9.95 -6.74
N ALA A 102 20.34 11.04 -6.52
CA ALA A 102 19.65 11.75 -7.58
C ALA A 102 19.96 13.22 -7.51
N GLY A 103 20.41 13.79 -8.63
CA GLY A 103 20.62 15.23 -8.73
C GLY A 103 20.91 15.66 -10.15
N CYS A 104 21.54 16.83 -10.27
CA CYS A 104 22.01 17.31 -11.56
C CYS A 104 23.29 18.12 -11.42
N GLU A 105 24.11 18.11 -12.47
CA GLU A 105 25.34 18.90 -12.53
C GLU A 105 25.09 20.17 -13.35
N MET A 106 25.75 21.26 -12.97
CA MET A 106 25.56 22.56 -13.60
C MET A 106 26.72 23.01 -14.50
N TYR A 107 26.37 23.71 -15.58
CA TYR A 107 27.36 24.19 -16.56
C TYR A 107 27.11 25.63 -17.00
N ALA A 111 22.75 24.73 -19.95
CA ALA A 111 23.08 23.32 -20.13
C ALA A 111 23.28 22.61 -18.78
N SER A 112 22.69 21.42 -18.65
CA SER A 112 22.81 20.63 -17.42
C SER A 112 22.68 19.11 -17.67
N GLU A 113 22.80 18.32 -16.61
CA GLU A 113 22.80 16.86 -16.72
C GLU A 113 22.22 16.20 -15.48
N SER A 114 20.97 15.73 -15.56
CA SER A 114 20.33 15.09 -14.41
C SER A 114 20.60 13.59 -14.36
N PHE A 115 20.60 13.03 -13.16
CA PHE A 115 20.90 11.61 -12.96
C PHE A 115 20.14 11.04 -11.77
N LEU A 116 19.87 9.74 -11.81
CA LEU A 116 19.28 9.02 -10.69
C LEU A 116 19.84 7.60 -10.65
N HIS A 117 20.66 7.32 -9.64
CA HIS A 117 21.31 6.02 -9.49
C HIS A 117 20.91 5.30 -8.21
N VAL A 118 20.84 3.96 -8.29
CA VAL A 118 20.36 3.14 -7.18
C VAL A 118 21.34 2.02 -6.83
N ALA A 119 21.65 1.89 -5.53
CA ALA A 119 22.54 0.84 -5.05
C ALA A 119 21.82 -0.11 -4.11
N PHE A 120 22.15 -1.39 -4.21
CA PHE A 120 21.55 -2.41 -3.37
C PHE A 120 22.68 -3.18 -2.69
N GLN A 121 22.63 -3.24 -1.36
CA GLN A 121 23.72 -3.81 -0.55
C GLN A 121 25.07 -3.15 -0.84
N GLY A 122 25.05 -1.86 -1.14
CA GLY A 122 26.27 -1.10 -1.41
C GLY A 122 26.78 -1.14 -2.83
N LYS A 123 26.17 -1.98 -3.68
CA LYS A 123 26.60 -2.13 -5.07
C LYS A 123 25.58 -1.54 -6.04
N TYR A 124 26.04 -0.62 -6.88
CA TYR A 124 25.15 0.12 -7.77
C TYR A 124 24.60 -0.74 -8.91
N VAL A 125 23.27 -0.83 -8.98
CA VAL A 125 22.59 -1.84 -9.81
C VAL A 125 21.53 -1.35 -10.81
N VAL A 126 20.83 -0.27 -10.46
CA VAL A 126 19.75 0.29 -11.30
C VAL A 126 19.92 1.80 -11.47
N ARG A 127 19.44 2.32 -12.59
CA ARG A 127 19.36 3.76 -12.80
C ARG A 127 18.12 4.14 -13.62
N PHE A 128 17.66 5.37 -13.49
CA PHE A 128 16.62 5.89 -14.37
C PHE A 128 17.28 6.46 -15.63
N TRP A 129 16.74 6.13 -16.78
CA TRP A 129 17.28 6.58 -18.05
C TRP A 129 16.21 6.79 -19.10
N GLY A 130 16.12 8.03 -19.59
CA GLY A 130 15.13 8.40 -20.58
C GLY A 130 13.74 8.41 -19.98
N THR A 131 13.07 7.27 -20.06
CA THR A 131 11.69 7.17 -19.59
C THR A 131 11.45 6.05 -18.59
N SER A 132 12.42 5.15 -18.42
CA SER A 132 12.20 3.93 -17.61
C SER A 132 13.32 3.63 -16.62
N TRP A 133 13.16 2.51 -15.91
CA TRP A 133 14.21 1.97 -15.04
C TRP A 133 15.02 0.93 -15.79
N GLN A 134 16.33 0.98 -15.65
CA GLN A 134 17.23 0.06 -16.31
C GLN A 134 18.23 -0.51 -15.34
N THR A 135 18.61 -1.76 -15.57
CA THR A 135 19.65 -2.40 -14.78
C THR A 135 21.01 -2.21 -15.44
N VAL A 136 21.97 -1.77 -14.63
CA VAL A 136 23.34 -1.51 -15.06
C VAL A 136 24.09 -2.84 -15.23
N PRO A 137 25.03 -2.92 -16.22
CA PRO A 137 25.92 -4.07 -16.38
C PRO A 137 26.33 -4.73 -15.04
N GLY A 138 26.24 -6.06 -15.01
CA GLY A 138 26.60 -6.83 -13.83
C GLY A 138 25.55 -6.91 -12.72
N ALA A 139 24.36 -6.36 -12.97
CA ALA A 139 23.25 -6.43 -12.01
C ALA A 139 22.79 -7.88 -11.83
N PRO A 140 22.35 -8.24 -10.61
CA PRO A 140 21.72 -9.53 -10.33
C PRO A 140 20.57 -9.78 -11.28
N SER A 141 20.40 -11.02 -11.72
CA SER A 141 19.38 -11.36 -12.71
C SER A 141 17.98 -11.37 -12.10
N TRP A 142 17.92 -11.48 -10.77
CA TRP A 142 16.63 -11.45 -10.08
C TRP A 142 15.97 -10.08 -10.14
N LEU A 143 16.72 -9.06 -10.54
CA LEU A 143 16.21 -7.71 -10.63
C LEU A 143 15.28 -7.48 -11.82
N ASP A 144 15.36 -8.36 -12.81
CA ASP A 144 14.57 -8.25 -14.05
C ASP A 144 13.07 -8.14 -13.78
N LEU A 145 12.57 -8.96 -12.87
CA LEU A 145 11.15 -9.00 -12.55
C LEU A 145 10.66 -7.74 -11.82
N PRO A 146 11.34 -7.34 -10.71
CA PRO A 146 10.96 -6.09 -10.07
C PRO A 146 10.96 -4.89 -11.03
N ILE A 147 11.98 -4.80 -11.88
CA ILE A 147 12.11 -3.68 -12.83
C ILE A 147 10.92 -3.58 -13.78
N LYS A 148 10.43 -4.72 -14.25
CA LYS A 148 9.27 -4.75 -15.13
C LYS A 148 8.00 -4.15 -14.49
N VAL A 149 7.77 -4.47 -13.21
CA VAL A 149 6.61 -3.95 -12.46
C VAL A 149 6.69 -2.45 -12.19
N LEU A 150 7.88 -1.97 -11.84
CA LEU A 150 8.10 -0.54 -11.64
C LEU A 150 7.90 0.22 -12.93
N ASN A 151 8.40 -0.34 -14.03
CA ASN A 151 8.27 0.25 -15.37
C ASN A 151 6.83 0.34 -15.87
N ALA A 152 5.96 -0.51 -15.33
CA ALA A 152 4.54 -0.53 -15.69
C ALA A 152 3.77 0.66 -15.11
N ASP A 153 4.41 1.39 -14.21
CA ASP A 153 3.76 2.49 -13.52
C ASP A 153 4.04 3.80 -14.26
N GLN A 154 3.16 4.13 -15.20
CA GLN A 154 3.28 5.34 -16.00
C GLN A 154 3.37 6.59 -15.13
N GLY A 155 2.48 6.69 -14.14
CA GLY A 155 2.43 7.83 -13.22
C GLY A 155 3.75 8.21 -12.58
N THR A 156 4.41 7.24 -11.94
CA THR A 156 5.75 7.45 -11.38
C THR A 156 6.70 7.87 -12.50
N SER A 157 6.76 7.05 -13.54
CA SER A 157 7.62 7.32 -14.69
C SER A 157 7.55 8.78 -15.15
N ALA A 158 6.34 9.30 -15.28
CA ALA A 158 6.12 10.64 -15.82
C ALA A 158 6.56 11.79 -14.90
N THR A 159 6.38 11.63 -13.59
CA THR A 159 6.78 12.68 -12.65
C THR A 159 8.27 12.64 -12.35
N VAL A 160 8.88 11.46 -12.40
CA VAL A 160 10.33 11.35 -12.28
C VAL A 160 10.97 12.11 -13.43
N GLN A 161 10.46 11.86 -14.64
CA GLN A 161 10.88 12.60 -15.83
C GLN A 161 10.81 14.10 -15.62
N MET A 162 9.67 14.57 -15.11
CA MET A 162 9.48 15.98 -14.79
C MET A 162 10.53 16.48 -13.79
N LEU A 163 10.78 15.67 -12.75
CA LEU A 163 11.79 16.00 -11.74
C LEU A 163 13.18 16.16 -12.31
N LEU A 164 13.62 15.17 -13.06
CA LEU A 164 14.97 15.15 -13.60
C LEU A 164 15.14 16.14 -14.74
N ASN A 165 14.30 16.03 -15.77
CA ASN A 165 14.40 16.90 -16.93
C ASN A 165 14.14 18.39 -16.66
N ASP A 166 13.15 18.68 -15.82
CA ASP A 166 12.68 20.05 -15.67
C ASP A 166 12.90 20.68 -14.30
N THR A 167 12.68 19.91 -13.25
CA THR A 167 12.59 20.47 -11.90
C THR A 167 13.94 20.60 -11.20
N CYS A 168 14.83 19.62 -11.38
CA CYS A 168 16.19 19.70 -10.85
C CYS A 168 16.94 20.94 -11.38
N PRO A 169 17.13 21.05 -12.71
CA PRO A 169 17.89 22.18 -13.24
C PRO A 169 17.33 23.53 -12.81
N LEU A 170 16.00 23.65 -12.78
CA LEU A 170 15.34 24.92 -12.48
C LEU A 170 15.58 25.34 -11.04
N PHE A 171 15.31 24.43 -10.11
CA PHE A 171 15.48 24.69 -8.68
C PHE A 171 16.93 24.94 -8.30
N VAL A 172 17.86 24.23 -8.94
CA VAL A 172 19.29 24.46 -8.70
C VAL A 172 19.68 25.86 -9.13
N ARG A 173 19.31 26.22 -10.36
CA ARG A 173 19.59 27.53 -10.92
C ARG A 173 19.12 28.62 -9.96
N GLY A 174 18.07 28.32 -9.20
CA GLY A 174 17.57 29.21 -8.15
C GLY A 174 18.42 29.18 -6.88
N LEU A 175 18.76 27.98 -6.43
CA LEU A 175 19.66 27.81 -5.29
C LEU A 175 20.98 28.54 -5.50
N LEU A 176 21.52 28.40 -6.71
CA LEU A 176 22.78 29.00 -7.08
C LEU A 176 22.72 30.51 -6.97
N GLU A 177 21.64 31.10 -7.47
CA GLU A 177 21.47 32.56 -7.44
C GLU A 177 21.32 33.08 -6.02
N ALA A 178 20.48 32.43 -5.23
CA ALA A 178 20.20 32.87 -3.86
C ALA A 178 21.21 32.33 -2.85
N GLY A 179 22.11 31.46 -3.31
CA GLY A 179 23.18 30.94 -2.47
C GLY A 179 24.54 31.51 -2.79
N LYS A 180 24.58 32.51 -3.70
CA LYS A 180 25.82 33.07 -4.22
C LYS A 180 26.74 33.58 -3.12
N SER A 181 26.18 34.40 -2.23
CA SER A 181 26.90 34.97 -1.09
C SER A 181 27.68 33.92 -0.30
N ASP A 182 27.04 32.79 -0.02
CA ASP A 182 27.65 31.70 0.75
C ASP A 182 28.57 30.82 -0.10
N LEU A 183 28.34 30.80 -1.40
CA LEU A 183 29.18 30.02 -2.31
C LEU A 183 30.43 30.78 -2.73
N GLU A 184 30.53 32.02 -2.30
CA GLU A 184 31.66 32.85 -2.69
C GLU A 184 32.59 33.17 -1.53
N LYS A 185 32.13 32.97 -0.29
CA LYS A 185 32.91 33.34 0.90
C LYS A 185 34.28 32.66 0.93
N GLN A 186 35.26 33.38 1.47
CA GLN A 186 36.65 32.93 1.50
C GLN A 186 37.18 32.96 2.92
N GLU A 187 37.61 31.80 3.41
CA GLU A 187 38.19 31.69 4.75
C GLU A 187 39.66 31.30 4.65
N LYS A 188 40.50 31.99 5.43
CA LYS A 188 41.95 31.81 5.35
C LYS A 188 42.41 30.51 6.04
N PRO A 189 43.33 29.78 5.38
CA PRO A 189 43.95 28.61 6.01
C PRO A 189 44.85 29.04 7.15
N VAL A 190 44.95 28.21 8.17
CA VAL A 190 45.94 28.38 9.21
C VAL A 190 46.75 27.11 9.17
N ALA A 191 48.08 27.24 9.14
CA ALA A 191 48.96 26.07 9.08
C ALA A 191 49.90 25.98 10.29
N TRP A 192 50.21 24.75 10.69
CA TRP A 192 51.15 24.51 11.79
C TRP A 192 51.93 23.21 11.55
N LEU A 193 53.16 23.15 12.04
CA LEU A 193 54.04 22.02 11.77
C LEU A 193 54.18 21.06 12.95
N SER A 194 54.34 19.77 12.65
CA SER A 194 54.60 18.76 13.66
C SER A 194 55.48 17.65 13.08
N SER A 195 55.84 16.67 13.89
CA SER A 195 56.76 15.62 13.47
C SER A 195 56.44 14.28 14.13
N VAL A 196 56.67 13.19 13.41
CA VAL A 196 56.53 11.83 13.95
C VAL A 196 57.69 10.96 13.45
N PRO A 197 58.05 9.92 14.23
CA PRO A 197 59.01 8.95 13.71
C PRO A 197 58.45 8.18 12.51
N SER A 198 59.28 7.95 11.50
CA SER A 198 58.89 7.18 10.33
C SER A 198 58.99 5.68 10.61
N SER A 199 58.30 4.89 9.80
CA SER A 199 58.32 3.42 9.94
C SER A 199 59.69 2.85 9.60
N ALA A 200 60.46 3.59 8.82
CA ALA A 200 61.83 3.22 8.49
C ALA A 200 62.84 3.82 9.48
N HIS A 201 63.86 3.04 9.80
CA HIS A 201 64.86 3.43 10.78
C HIS A 201 65.64 4.67 10.35
N GLY A 202 65.81 5.61 11.29
CA GLY A 202 66.56 6.83 11.03
C GLY A 202 65.78 7.85 10.23
N HIS A 203 64.53 7.55 9.91
CA HIS A 203 63.69 8.45 9.15
C HIS A 203 62.64 9.10 10.05
N ARG A 204 62.23 10.31 9.69
CA ARG A 204 61.20 11.02 10.42
C ARG A 204 60.20 11.64 9.47
N GLN A 205 58.95 11.71 9.91
CA GLN A 205 57.88 12.19 9.06
C GLN A 205 57.46 13.60 9.46
N LEU A 206 57.78 14.57 8.62
CA LEU A 206 57.38 15.95 8.86
C LEU A 206 55.92 16.11 8.48
N VAL A 207 55.16 16.84 9.28
CA VAL A 207 53.71 16.98 9.04
C VAL A 207 53.31 18.43 9.02
N CYS A 208 52.69 18.84 7.91
CA CYS A 208 52.18 20.21 7.76
C CYS A 208 50.65 20.25 7.75
N HIS A 209 50.08 20.76 8.84
CA HIS A 209 48.63 20.82 9.03
C HIS A 209 48.04 22.12 8.48
N VAL A 210 47.14 22.02 7.51
CA VAL A 210 46.45 23.18 6.97
C VAL A 210 44.98 23.11 7.38
N SER A 211 44.49 24.14 8.07
CA SER A 211 43.13 24.06 8.60
C SER A 211 42.32 25.35 8.51
N GLY A 212 41.01 25.20 8.28
CA GLY A 212 40.05 26.30 8.31
C GLY A 212 39.83 27.05 7.01
N PHE A 213 40.10 26.40 5.89
CA PHE A 213 39.99 27.03 4.58
C PHE A 213 38.71 26.66 3.81
N TYR A 214 38.22 27.63 3.04
CA TYR A 214 37.07 27.46 2.17
C TYR A 214 37.22 28.53 1.09
N PRO A 215 36.98 28.18 -0.19
CA PRO A 215 36.51 26.92 -0.76
C PRO A 215 37.54 25.80 -0.74
N LYS A 216 37.07 24.60 -1.11
CA LYS A 216 37.85 23.35 -1.03
C LYS A 216 39.18 23.32 -1.77
N PRO A 217 39.24 23.85 -3.03
CA PRO A 217 40.52 23.79 -3.77
C PRO A 217 41.67 24.46 -3.03
N VAL A 218 42.78 23.74 -2.92
CA VAL A 218 43.97 24.19 -2.18
C VAL A 218 45.23 23.59 -2.81
N TRP A 219 46.38 24.19 -2.51
CA TRP A 219 47.67 23.69 -2.97
C TRP A 219 48.63 23.69 -1.79
N VAL A 220 49.25 22.54 -1.52
CA VAL A 220 50.17 22.38 -0.37
C VAL A 220 51.35 21.47 -0.74
N MET A 221 52.58 21.98 -0.53
CA MET A 221 53.80 21.23 -0.85
C MET A 221 54.94 21.55 0.11
N TRP A 222 55.82 20.58 0.32
CA TRP A 222 57.06 20.83 1.02
C TRP A 222 58.10 21.31 0.01
N MET A 223 58.97 22.24 0.42
CA MET A 223 59.87 22.91 -0.52
C MET A 223 61.28 23.07 0.01
N ARG A 224 62.27 22.94 -0.88
CA ARG A 224 63.60 23.52 -0.62
C ARG A 224 63.72 24.79 -1.44
N GLY A 225 63.06 25.84 -0.97
CA GLY A 225 62.99 27.10 -1.68
C GLY A 225 62.36 26.87 -3.03
N ASP A 226 63.19 26.81 -4.05
CA ASP A 226 62.77 26.59 -5.43
C ASP A 226 62.05 25.26 -5.58
N GLN A 227 62.73 24.19 -5.14
CA GLN A 227 62.34 22.81 -5.47
C GLN A 227 61.23 22.26 -4.60
N GLU A 228 60.14 21.85 -5.25
CA GLU A 228 59.06 21.12 -4.59
C GLU A 228 59.56 19.71 -4.27
N GLN A 229 59.36 19.27 -3.04
CA GLN A 229 59.79 17.94 -2.62
C GLN A 229 58.81 16.89 -3.10
N GLN A 230 59.25 16.08 -4.06
CA GLN A 230 58.41 15.08 -4.74
C GLN A 230 57.87 14.00 -3.80
N GLY A 231 58.50 13.86 -2.64
CA GLY A 231 58.04 12.91 -1.63
C GLY A 231 56.84 13.39 -0.82
N THR A 232 56.36 14.60 -1.12
CA THR A 232 55.20 15.18 -0.43
C THR A 232 53.97 14.31 -0.66
N HIS A 233 53.39 13.84 0.43
CA HIS A 233 52.15 13.09 0.36
C HIS A 233 50.98 13.92 0.88
N ARG A 234 50.14 14.38 -0.05
CA ARG A 234 48.93 15.11 0.28
C ARG A 234 47.92 14.16 0.93
N GLY A 235 47.33 14.60 2.04
CA GLY A 235 46.34 13.80 2.75
C GLY A 235 44.95 13.91 2.16
N ASP A 236 43.99 13.31 2.84
CA ASP A 236 42.59 13.41 2.44
C ASP A 236 41.99 14.72 2.96
N PHE A 237 40.95 15.20 2.28
CA PHE A 237 40.22 16.37 2.76
C PHE A 237 39.27 15.93 3.86
N LEU A 238 39.49 16.44 5.05
CA LEU A 238 38.67 16.10 6.20
C LEU A 238 37.86 17.32 6.58
N PRO A 239 36.57 17.13 6.91
CA PRO A 239 35.70 18.28 7.15
C PRO A 239 35.88 18.89 8.53
N ASN A 240 35.50 20.15 8.67
CA ASN A 240 35.35 20.77 9.97
C ASN A 240 33.86 21.01 10.23
N ALA A 241 33.48 21.19 11.49
CA ALA A 241 32.07 21.34 11.87
C ALA A 241 31.40 22.56 11.23
N ASP A 242 32.21 23.59 10.95
CA ASP A 242 31.74 24.85 10.35
C ASP A 242 31.95 24.88 8.83
N GLU A 243 31.77 23.73 8.18
CA GLU A 243 31.93 23.58 6.73
C GLU A 243 33.24 24.14 6.14
N THR A 244 34.29 24.21 6.95
CA THR A 244 35.64 24.47 6.45
C THR A 244 36.37 23.15 6.21
N TRP A 245 37.62 23.23 5.78
CA TRP A 245 38.37 22.03 5.42
C TRP A 245 39.71 21.88 6.14
N TYR A 246 40.08 20.63 6.37
CA TYR A 246 41.37 20.31 6.97
C TYR A 246 42.15 19.36 6.07
N LEU A 247 43.43 19.67 5.87
CA LEU A 247 44.31 18.84 5.06
C LEU A 247 45.71 18.77 5.70
N GLN A 248 46.43 17.69 5.46
CA GLN A 248 47.83 17.61 5.86
C GLN A 248 48.73 17.03 4.78
N ALA A 249 49.97 17.48 4.74
CA ALA A 249 50.95 16.98 3.78
C ALA A 249 52.19 16.52 4.53
N THR A 250 52.64 15.30 4.24
CA THR A 250 53.75 14.70 4.97
C THR A 250 54.97 14.49 4.08
N LEU A 251 56.16 14.61 4.68
CA LEU A 251 57.41 14.33 3.97
C LEU A 251 58.30 13.45 4.82
N ASP A 252 58.76 12.36 4.23
CA ASP A 252 59.68 11.46 4.91
C ASP A 252 61.11 11.90 4.63
N VAL A 253 61.81 12.29 5.70
CA VAL A 253 63.19 12.74 5.61
C VAL A 253 64.11 11.91 6.50
N GLU A 254 65.40 11.91 6.16
CA GLU A 254 66.41 11.38 7.07
C GLU A 254 66.79 12.48 8.06
N ALA A 255 67.12 12.09 9.29
CA ALA A 255 67.49 13.05 10.33
C ALA A 255 68.60 13.99 9.88
N GLY A 256 68.49 15.26 10.29
CA GLY A 256 69.42 16.29 9.84
C GLY A 256 69.22 16.68 8.38
N GLU A 257 67.99 16.60 7.91
CA GLU A 257 67.65 17.00 6.54
C GLU A 257 66.43 17.92 6.57
N GLU A 258 65.84 18.07 7.75
CA GLU A 258 64.70 18.95 7.96
C GLU A 258 65.09 20.40 7.76
N ALA A 259 66.37 20.69 8.02
CA ALA A 259 66.93 22.04 7.92
C ALA A 259 66.82 22.61 6.51
N GLY A 260 66.10 23.72 6.38
CA GLY A 260 65.99 24.41 5.11
C GLY A 260 64.69 24.13 4.39
N LEU A 261 63.88 23.25 4.99
CA LEU A 261 62.57 22.86 4.43
C LEU A 261 61.48 23.79 4.89
N ALA A 262 60.46 23.95 4.04
CA ALA A 262 59.32 24.80 4.34
C ALA A 262 58.06 24.23 3.71
N CYS A 263 56.96 24.30 4.45
CA CYS A 263 55.64 23.99 3.92
C CYS A 263 55.03 25.22 3.28
N ARG A 264 54.75 25.14 1.98
CA ARG A 264 54.07 26.23 1.28
C ARG A 264 52.61 25.91 1.02
N VAL A 265 51.77 26.94 1.19
CA VAL A 265 50.32 26.82 1.04
C VAL A 265 49.78 27.94 0.15
N LYS A 266 49.19 27.56 -0.98
CA LYS A 266 48.50 28.49 -1.88
C LYS A 266 46.99 28.32 -1.74
N HIS A 267 46.28 29.43 -1.58
CA HIS A 267 44.82 29.40 -1.50
C HIS A 267 44.20 30.67 -2.07
N SER A 268 42.98 30.56 -2.58
CA SER A 268 42.29 31.68 -3.21
C SER A 268 42.03 32.85 -2.25
N SER A 269 41.99 32.55 -0.95
CA SER A 269 41.71 33.54 0.08
C SER A 269 42.94 34.32 0.58
N LEU A 270 44.10 34.04 -0.01
CA LEU A 270 45.36 34.63 0.45
C LEU A 270 45.96 35.67 -0.51
N GLY A 271 45.19 36.08 -1.50
CA GLY A 271 45.69 36.96 -2.57
C GLY A 271 46.74 36.21 -3.38
N GLY A 272 47.95 36.75 -3.43
CA GLY A 272 49.08 36.00 -3.95
C GLY A 272 50.01 35.56 -2.83
N GLN A 273 49.70 36.03 -1.62
CA GLN A 273 50.57 35.87 -0.45
C GLN A 273 50.47 34.48 0.16
N ASP A 274 51.31 33.57 -0.35
CA ASP A 274 51.36 32.18 0.09
C ASP A 274 51.77 32.09 1.56
N ILE A 275 51.32 31.06 2.25
CA ILE A 275 51.80 30.78 3.60
C ILE A 275 53.07 29.96 3.46
N ILE A 276 54.14 30.43 4.09
CA ILE A 276 55.39 29.66 4.14
C ILE A 276 55.78 29.45 5.59
N LEU A 277 55.94 28.20 5.99
CA LEU A 277 56.42 27.87 7.32
C LEU A 277 57.71 27.10 7.22
N TYR A 278 58.78 27.63 7.80
CA TYR A 278 60.09 26.99 7.77
C TYR A 278 60.28 26.11 9.00
N TRP A 279 60.94 24.96 8.82
CA TRP A 279 61.20 24.03 9.92
C TRP A 279 62.31 24.57 10.78
N GLY A 280 62.02 24.75 12.07
CA GLY A 280 63.00 25.28 13.01
C GLY A 280 63.03 26.79 13.08
N SER A 281 62.13 27.45 12.35
CA SER A 281 62.02 28.91 12.36
C SER A 281 61.55 29.41 13.73
N LEU A 282 61.93 30.63 14.09
CA LEU A 282 61.59 31.21 15.39
C LEU A 282 60.11 31.04 15.77
N HIS A 283 59.22 31.20 14.80
CA HIS A 283 57.79 31.00 15.01
C HIS A 283 57.46 29.54 15.37
N HIS A 284 58.01 28.62 14.58
CA HIS A 284 57.80 27.19 14.76
C HIS A 284 58.19 26.71 16.16
N ILE A 285 59.35 27.19 16.64
CA ILE A 285 59.87 26.83 17.96
C ILE A 285 58.84 27.13 19.05
N LEU A 286 58.27 28.34 19.01
CA LEU A 286 57.33 28.78 20.02
C LEU A 286 55.97 28.07 19.90
N ASP A 287 55.54 27.81 18.67
CA ASP A 287 54.36 26.97 18.43
C ASP A 287 54.54 25.59 19.03
N ALA A 288 55.72 24.99 18.80
CA ALA A 288 56.03 23.65 19.29
C ALA A 288 56.05 23.54 20.82
N GLN A 289 56.54 24.58 21.49
CA GLN A 289 56.62 24.60 22.94
C GLN A 289 55.23 24.62 23.58
N LYS A 290 54.23 25.04 22.81
CA LYS A 290 52.84 25.07 23.30
C LYS A 290 52.09 23.76 23.04
N MET A 291 52.69 22.86 22.27
CA MET A 291 52.04 21.59 21.92
C MET A 291 52.47 20.42 22.80
N VAL A 292 53.61 20.56 23.48
CA VAL A 292 54.21 19.46 24.28
C VAL A 292 53.22 18.65 25.11
N TRP A 293 53.49 17.34 25.22
CA TRP A 293 52.64 16.41 25.96
C TRP A 293 53.37 15.08 26.20
N ASN A 294 52.84 14.26 27.10
CA ASN A 294 53.52 13.04 27.57
C ASN A 294 53.70 11.92 26.55
N HIS A 295 53.00 12.01 25.43
CA HIS A 295 53.09 11.03 24.33
C HIS A 295 52.55 9.65 24.70
N ARG A 296 51.24 9.60 24.95
CA ARG A 296 50.53 8.35 25.19
C ARG A 296 49.02 8.60 25.00
N HIS A 297 48.33 7.73 24.26
CA HIS A 297 48.92 6.56 23.62
C HIS A 297 49.17 6.87 22.16
N HIS A 298 50.45 7.10 21.83
CA HIS A 298 50.87 7.52 20.50
C HIS A 298 50.82 6.37 19.49
N HIS A 299 50.59 6.70 18.22
CA HIS A 299 50.62 5.71 17.13
C HIS A 299 52.06 5.35 16.78
N GLN B 2 29.84 -5.81 3.87
CA GLN B 2 30.48 -5.08 5.01
C GLN B 2 31.75 -4.32 4.62
N LYS B 3 31.90 -3.12 5.19
CA LYS B 3 33.12 -2.34 5.05
C LYS B 3 33.49 -1.75 6.43
N THR B 4 34.73 -1.98 6.87
CA THR B 4 35.18 -1.51 8.19
C THR B 4 35.46 -0.01 8.20
N PRO B 5 35.12 0.68 9.31
CA PRO B 5 35.25 2.13 9.46
C PRO B 5 36.70 2.63 9.50
N GLN B 6 36.93 3.82 8.98
CA GLN B 6 38.22 4.49 9.10
C GLN B 6 38.03 5.65 10.07
N ILE B 7 38.81 5.65 11.16
CA ILE B 7 38.67 6.68 12.18
C ILE B 7 39.86 7.64 12.12
N GLN B 8 39.54 8.93 12.00
CA GLN B 8 40.55 10.00 12.01
C GLN B 8 40.18 11.08 13.03
N VAL B 9 41.14 11.41 13.91
CA VAL B 9 40.91 12.37 14.99
C VAL B 9 41.86 13.56 14.83
N TYR B 10 41.32 14.76 14.92
CA TYR B 10 42.08 15.98 14.63
C TYR B 10 41.42 17.21 15.23
N SER B 11 42.23 18.26 15.48
CA SER B 11 41.73 19.49 16.08
C SER B 11 41.43 20.56 15.04
N ARG B 12 40.44 21.40 15.35
CA ARG B 12 40.01 22.48 14.46
C ARG B 12 41.08 23.54 14.25
N HIS B 13 41.74 23.92 15.34
CA HIS B 13 42.74 24.99 15.37
C HIS B 13 44.07 24.44 15.87
N PRO B 14 45.18 25.14 15.58
CA PRO B 14 46.51 24.80 16.12
C PRO B 14 46.43 24.47 17.61
N PRO B 15 46.76 23.21 17.98
CA PRO B 15 46.45 22.67 19.29
C PRO B 15 47.37 23.12 20.42
N GLU B 16 47.36 24.41 20.72
CA GLU B 16 48.06 24.94 21.90
C GLU B 16 47.35 24.50 23.17
N ASN B 17 48.14 24.01 24.14
CA ASN B 17 47.62 23.68 25.47
C ASN B 17 46.91 24.86 26.12
N GLY B 18 45.97 24.57 27.01
CA GLY B 18 45.27 25.61 27.78
C GLY B 18 44.19 26.37 27.03
N LYS B 19 44.48 26.76 25.79
CA LYS B 19 43.51 27.48 24.95
C LYS B 19 42.39 26.55 24.49
N PRO B 20 41.14 27.06 24.48
CA PRO B 20 40.01 26.25 24.04
C PRO B 20 40.09 25.92 22.54
N ASN B 21 39.74 24.69 22.20
CA ASN B 21 39.79 24.20 20.82
C ASN B 21 38.63 23.24 20.55
N ILE B 22 38.47 22.81 19.30
CA ILE B 22 37.40 21.88 18.94
C ILE B 22 37.97 20.61 18.31
N LEU B 23 37.66 19.46 18.90
CA LEU B 23 38.18 18.18 18.44
C LEU B 23 37.20 17.46 17.52
N ASN B 24 37.69 16.95 16.40
CA ASN B 24 36.87 16.29 15.41
C ASN B 24 37.21 14.81 15.29
N CYS B 25 36.19 13.95 15.36
CA CYS B 25 36.36 12.54 15.03
C CYS B 25 35.57 12.22 13.77
N TYR B 26 36.30 11.88 12.71
CA TYR B 26 35.72 11.71 11.38
C TYR B 26 35.79 10.26 10.90
N VAL B 27 34.62 9.62 10.84
CA VAL B 27 34.53 8.20 10.51
C VAL B 27 34.11 8.01 9.06
N THR B 28 34.81 7.11 8.36
CA THR B 28 34.61 6.91 6.92
C THR B 28 34.60 5.46 6.46
N GLN B 29 34.09 5.25 5.25
CA GLN B 29 34.28 4.00 4.49
C GLN B 29 33.58 2.79 5.11
N PHE B 30 32.43 3.01 5.74
CA PHE B 30 31.74 1.89 6.36
C PHE B 30 30.40 1.59 5.70
N HIS B 31 29.98 0.34 5.86
CA HIS B 31 28.72 -0.16 5.36
C HIS B 31 28.44 -1.42 6.17
N PRO B 32 27.22 -1.57 6.74
CA PRO B 32 26.00 -0.74 6.74
C PRO B 32 26.14 0.57 7.52
N PRO B 33 25.17 1.50 7.36
CA PRO B 33 25.21 2.82 8.00
C PRO B 33 24.96 2.88 9.53
N HIS B 34 24.53 1.79 10.15
CA HIS B 34 24.32 1.80 11.60
C HIS B 34 25.69 1.78 12.31
N ILE B 35 25.91 2.77 13.18
CA ILE B 35 27.21 2.98 13.81
C ILE B 35 27.12 3.79 15.12
N GLU B 36 27.82 3.33 16.16
CA GLU B 36 27.88 4.04 17.45
C GLU B 36 29.23 4.70 17.68
N ILE B 37 29.22 6.01 17.94
CA ILE B 37 30.45 6.77 18.16
C ILE B 37 30.41 7.52 19.49
N GLN B 38 31.46 7.34 20.28
CA GLN B 38 31.67 8.11 21.51
C GLN B 38 33.02 8.78 21.48
N MET B 39 33.10 9.95 22.09
CA MET B 39 34.37 10.63 22.27
C MET B 39 34.75 10.58 23.75
N LEU B 40 35.97 10.13 24.01
CA LEU B 40 36.38 9.80 25.38
C LEU B 40 37.46 10.72 25.94
N LYS B 41 37.27 11.14 27.18
CA LYS B 41 38.27 11.92 27.89
C LYS B 41 38.77 11.12 29.09
N ASN B 42 39.99 10.60 28.98
CA ASN B 42 40.62 9.78 30.02
C ASN B 42 39.94 8.44 30.27
N GLY B 43 38.89 8.13 29.49
CA GLY B 43 38.13 6.90 29.65
C GLY B 43 36.64 7.13 29.79
N LYS B 44 36.26 8.24 30.41
CA LYS B 44 34.85 8.60 30.60
C LYS B 44 34.28 9.30 29.36
N LYS B 45 33.00 9.04 29.07
CA LYS B 45 32.33 9.59 27.89
C LYS B 45 32.07 11.09 28.04
N ILE B 46 32.40 11.84 26.99
CA ILE B 46 32.19 13.29 26.97
C ILE B 46 30.71 13.57 26.67
N PRO B 47 29.99 14.23 27.62
CA PRO B 47 28.52 14.32 27.62
C PRO B 47 27.92 14.93 26.35
N LYS B 48 28.44 16.06 25.88
CA LYS B 48 27.89 16.70 24.69
C LYS B 48 28.82 16.58 23.47
N VAL B 49 28.57 15.53 22.69
CA VAL B 49 29.27 15.34 21.43
C VAL B 49 28.25 15.51 20.31
N GLU B 50 28.35 16.64 19.61
CA GLU B 50 27.43 16.94 18.50
C GLU B 50 27.86 16.23 17.23
N MET B 51 26.90 15.86 16.41
CA MET B 51 27.19 15.11 15.20
C MET B 51 26.53 15.66 13.95
N SER B 52 27.23 15.54 12.83
CA SER B 52 26.66 15.88 11.54
C SER B 52 25.73 14.76 11.13
N ASP B 53 24.91 15.02 10.13
CA ASP B 53 24.05 14.00 9.54
C ASP B 53 24.93 13.03 8.77
N MET B 54 24.49 11.79 8.65
CA MET B 54 25.22 10.81 7.86
C MET B 54 24.97 10.99 6.36
N SER B 55 26.05 10.97 5.60
CA SER B 55 25.97 11.07 4.16
C SER B 55 26.82 9.95 3.56
N PHE B 56 26.73 9.73 2.24
CA PHE B 56 27.63 8.78 1.60
C PHE B 56 28.33 9.38 0.40
N SER B 57 29.39 8.72 -0.06
CA SER B 57 30.21 9.22 -1.16
C SER B 57 29.99 8.45 -2.47
N LYS B 58 30.70 8.85 -3.52
CA LYS B 58 30.57 8.26 -4.86
C LYS B 58 30.81 6.75 -4.92
N ASP B 59 31.56 6.21 -3.96
CA ASP B 59 31.73 4.76 -3.87
C ASP B 59 30.67 4.09 -2.98
N TRP B 60 29.61 4.85 -2.68
CA TRP B 60 28.45 4.38 -1.88
C TRP B 60 28.77 4.03 -0.41
N SER B 61 29.92 4.44 0.10
CA SER B 61 30.25 4.18 1.50
C SER B 61 29.93 5.41 2.33
N PHE B 62 29.53 5.20 3.58
CA PHE B 62 29.05 6.27 4.43
C PHE B 62 30.17 7.03 5.15
N TYR B 63 29.85 8.24 5.58
CA TYR B 63 30.75 9.04 6.40
C TYR B 63 29.99 9.98 7.31
N ILE B 64 30.51 10.17 8.51
CA ILE B 64 29.87 10.99 9.52
C ILE B 64 30.95 11.76 10.28
N LEU B 65 30.61 12.97 10.73
CA LEU B 65 31.52 13.75 11.56
C LEU B 65 30.93 14.04 12.92
N ALA B 66 31.62 13.59 13.96
CA ALA B 66 31.27 13.92 15.34
C ALA B 66 32.34 14.84 15.92
N HIS B 67 31.93 15.77 16.78
CA HIS B 67 32.85 16.78 17.31
C HIS B 67 32.40 17.34 18.67
N THR B 68 33.36 17.84 19.43
CA THR B 68 33.09 18.47 20.71
C THR B 68 34.18 19.48 21.06
N GLU B 69 33.84 20.47 21.88
CA GLU B 69 34.81 21.43 22.38
C GLU B 69 35.71 20.74 23.40
N PHE B 70 36.97 21.18 23.47
CA PHE B 70 37.93 20.62 24.43
C PHE B 70 39.11 21.57 24.72
N THR B 71 39.75 21.34 25.86
CA THR B 71 40.94 22.08 26.24
C THR B 71 42.10 21.08 26.45
N PRO B 72 43.06 21.05 25.51
CA PRO B 72 44.20 20.12 25.55
C PRO B 72 45.17 20.41 26.69
N THR B 73 45.68 19.34 27.31
CA THR B 73 46.60 19.42 28.44
C THR B 73 47.74 18.44 28.20
N GLU B 74 48.90 18.72 28.78
CA GLU B 74 50.07 17.84 28.67
C GLU B 74 49.78 16.40 29.09
N THR B 75 48.81 16.23 30.00
CA THR B 75 48.55 14.94 30.63
C THR B 75 47.22 14.31 30.22
N ASP B 76 46.25 15.14 29.82
CA ASP B 76 44.89 14.68 29.51
C ASP B 76 44.78 14.08 28.13
N THR B 77 44.13 12.92 28.06
CA THR B 77 44.08 12.13 26.83
C THR B 77 42.66 12.04 26.26
N TYR B 78 42.56 12.27 24.95
CA TYR B 78 41.29 12.19 24.23
C TYR B 78 41.30 11.06 23.20
N ALA B 79 40.16 10.39 23.06
CA ALA B 79 40.04 9.27 22.13
C ALA B 79 38.66 9.24 21.49
N CYS B 80 38.49 8.34 20.53
CA CYS B 80 37.23 8.18 19.81
C CYS B 80 36.94 6.70 19.65
N ARG B 81 35.84 6.25 20.23
CA ARG B 81 35.48 4.83 20.14
C ARG B 81 34.34 4.60 19.16
N VAL B 82 34.46 3.54 18.36
CA VAL B 82 33.48 3.25 17.32
C VAL B 82 33.05 1.79 17.36
N LYS B 83 31.75 1.58 17.52
CA LYS B 83 31.18 0.23 17.43
C LYS B 83 30.50 0.04 16.07
N HIS B 84 30.90 -1.02 15.37
CA HIS B 84 30.33 -1.37 14.08
C HIS B 84 30.24 -2.89 13.95
N ALA B 85 29.30 -3.35 13.13
CA ALA B 85 29.04 -4.79 12.97
C ALA B 85 30.20 -5.52 12.32
N SER B 86 30.92 -4.82 11.43
CA SER B 86 32.05 -5.41 10.70
C SER B 86 33.25 -5.66 11.60
N MET B 87 33.11 -5.33 12.88
CA MET B 87 34.18 -5.48 13.86
C MET B 87 33.70 -6.30 15.03
N ALA B 88 34.53 -7.23 15.48
CA ALA B 88 34.22 -8.05 16.65
C ALA B 88 34.16 -7.17 17.90
N GLU B 89 35.23 -6.41 18.12
CA GLU B 89 35.37 -5.55 19.30
C GLU B 89 35.33 -4.08 18.89
N PRO B 90 34.89 -3.19 19.80
CA PRO B 90 34.86 -1.74 19.51
C PRO B 90 36.25 -1.14 19.34
N LYS B 91 36.48 -0.48 18.20
CA LYS B 91 37.77 0.15 17.90
C LYS B 91 37.87 1.53 18.55
N THR B 92 38.91 1.71 19.36
CA THR B 92 39.16 2.97 20.04
C THR B 92 40.41 3.62 19.45
N VAL B 93 40.29 4.88 19.02
CA VAL B 93 41.42 5.57 18.39
C VAL B 93 41.77 6.87 19.14
N TYR B 94 43.03 6.95 19.57
CA TYR B 94 43.52 8.07 20.39
C TYR B 94 44.01 9.25 19.57
N TRP B 95 43.70 10.45 20.04
CA TRP B 95 44.18 11.68 19.42
C TRP B 95 45.68 11.80 19.60
N ASP B 96 46.37 11.98 18.47
CA ASP B 96 47.81 12.23 18.46
C ASP B 96 48.06 13.52 17.70
N ARG B 97 48.28 14.60 18.45
CA ARG B 97 48.44 15.93 17.89
C ARG B 97 49.62 16.01 16.92
N ASP B 98 50.58 15.10 17.10
CA ASP B 98 51.75 14.99 16.23
C ASP B 98 51.42 14.34 14.88
N MET B 99 50.34 13.56 14.84
CA MET B 99 49.92 12.89 13.61
C MET B 99 49.14 13.83 12.70
N THR C 1 -12.31 3.32 7.92
CA THR C 1 -12.60 3.28 6.45
C THR C 1 -12.05 4.51 5.74
N GLN C 2 -11.60 4.31 4.51
CA GLN C 2 -10.98 5.38 3.73
C GLN C 2 -11.82 5.77 2.52
N VAL C 3 -12.89 5.02 2.26
CA VAL C 3 -13.76 5.33 1.14
C VAL C 3 -15.21 5.41 1.61
N GLU C 4 -15.75 6.61 1.63
CA GLU C 4 -17.11 6.85 2.10
C GLU C 4 -18.10 7.02 0.95
N GLN C 5 -19.04 6.08 0.83
CA GLN C 5 -20.12 6.20 -0.14
C GLN C 5 -21.41 6.73 0.49
N SER C 6 -22.18 7.47 -0.29
CA SER C 6 -23.46 8.00 0.17
C SER C 6 -24.45 8.12 -0.98
N PRO C 7 -25.74 7.86 -0.69
CA PRO C 7 -26.21 7.38 0.62
C PRO C 7 -25.98 5.87 0.77
N GLN C 8 -26.36 5.30 1.91
CA GLN C 8 -26.25 3.86 2.11
C GLN C 8 -27.28 3.12 1.26
N SER C 9 -28.43 3.75 1.10
CA SER C 9 -29.55 3.18 0.37
C SER C 9 -30.18 4.25 -0.50
N LEU C 10 -30.70 3.85 -1.66
CA LEU C 10 -31.29 4.80 -2.60
C LEU C 10 -32.48 4.20 -3.34
N VAL C 11 -33.55 4.99 -3.49
CA VAL C 11 -34.77 4.54 -4.16
C VAL C 11 -35.10 5.42 -5.37
N VAL C 12 -35.24 4.80 -6.54
CA VAL C 12 -35.63 5.52 -7.76
C VAL C 12 -36.72 4.78 -8.54
N ARG C 13 -37.62 5.56 -9.14
CA ARG C 13 -38.63 5.01 -10.04
C ARG C 13 -37.97 4.66 -11.37
N GLN C 14 -38.38 3.53 -11.96
CA GLN C 14 -37.85 3.05 -13.23
C GLN C 14 -38.03 4.09 -14.33
N GLY C 15 -36.91 4.55 -14.88
CA GLY C 15 -36.93 5.56 -15.95
C GLY C 15 -36.37 6.90 -15.51
N GLU C 16 -36.26 7.09 -14.20
CA GLU C 16 -35.70 8.33 -13.65
C GLU C 16 -34.19 8.25 -13.47
N ASN C 17 -33.60 9.39 -13.13
CA ASN C 17 -32.16 9.47 -12.95
C ASN C 17 -31.73 9.15 -11.53
N SER C 18 -30.49 8.67 -11.38
CA SER C 18 -29.96 8.29 -10.10
C SER C 18 -28.48 8.64 -9.99
N VAL C 19 -28.11 9.19 -8.84
CA VAL C 19 -26.76 9.67 -8.60
C VAL C 19 -26.24 9.08 -7.29
N LEU C 20 -25.02 8.55 -7.34
CA LEU C 20 -24.35 7.98 -6.18
C LEU C 20 -23.06 8.74 -5.91
N GLN C 21 -22.76 8.97 -4.64
CA GLN C 21 -21.59 9.76 -4.24
C GLN C 21 -20.50 8.91 -3.59
N CYS C 22 -19.25 9.29 -3.83
CA CYS C 22 -18.10 8.61 -3.22
C CYS C 22 -17.00 9.61 -2.86
N ASN C 23 -16.73 9.77 -1.57
CA ASN C 23 -15.64 10.61 -1.08
C ASN C 23 -14.59 9.77 -0.38
N TYR C 24 -13.33 9.93 -0.78
CA TYR C 24 -12.26 9.10 -0.25
C TYR C 24 -11.14 9.89 0.41
N SER C 25 -10.22 9.17 1.07
CA SER C 25 -9.04 9.79 1.68
C SER C 25 -7.81 8.89 1.55
N VAL C 26 -7.84 7.99 0.56
CA VAL C 26 -6.74 7.09 0.25
C VAL C 26 -5.59 7.86 -0.43
N THR C 27 -4.36 7.60 -0.02
CA THR C 27 -3.19 8.28 -0.59
C THR C 27 -2.05 7.31 -0.90
N PRO C 28 -1.61 7.25 -2.17
CA PRO C 28 -2.13 8.07 -3.27
C PRO C 28 -3.33 7.46 -3.99
N ASP C 29 -4.17 8.33 -4.52
CA ASP C 29 -5.28 7.92 -5.38
C ASP C 29 -4.77 7.85 -6.81
N ASN C 30 -4.56 6.63 -7.31
CA ASN C 30 -4.08 6.49 -8.68
C ASN C 30 -5.22 6.40 -9.66
N HIS C 31 -6.17 5.52 -9.37
CA HIS C 31 -7.37 5.40 -10.19
C HIS C 31 -8.58 5.08 -9.34
N LEU C 32 -9.76 5.21 -9.93
CA LEU C 32 -10.99 4.86 -9.25
C LEU C 32 -11.82 3.90 -10.11
N ARG C 33 -12.47 2.94 -9.44
CA ARG C 33 -13.32 1.98 -10.13
C ARG C 33 -14.73 2.02 -9.55
N TRP C 34 -15.71 1.77 -10.40
CA TRP C 34 -17.05 1.51 -9.94
C TRP C 34 -17.39 0.05 -10.25
N PHE C 35 -18.03 -0.61 -9.31
CA PHE C 35 -18.44 -1.99 -9.47
C PHE C 35 -19.92 -2.13 -9.22
N LYS C 36 -20.53 -3.10 -9.87
CA LYS C 36 -21.92 -3.43 -9.66
C LYS C 36 -22.02 -4.88 -9.21
N GLN C 37 -22.57 -5.10 -8.02
CA GLN C 37 -22.78 -6.45 -7.53
C GLN C 37 -24.27 -6.78 -7.37
N ASP C 38 -24.80 -7.56 -8.31
CA ASP C 38 -26.15 -8.12 -8.18
C ASP C 38 -26.19 -9.01 -6.94
N THR C 39 -27.27 -8.91 -6.16
CA THR C 39 -27.35 -9.60 -4.87
C THR C 39 -27.18 -11.11 -5.05
N GLY C 40 -26.25 -11.69 -4.30
CA GLY C 40 -25.91 -13.11 -4.43
C GLY C 40 -24.93 -13.46 -5.54
N LYS C 41 -24.40 -12.45 -6.23
CA LYS C 41 -23.52 -12.67 -7.38
C LYS C 41 -22.17 -11.98 -7.21
N GLY C 42 -21.30 -12.14 -8.20
CA GLY C 42 -19.97 -11.51 -8.18
C GLY C 42 -19.99 -10.06 -8.63
N LEU C 43 -18.81 -9.44 -8.66
CA LEU C 43 -18.67 -8.03 -9.03
C LEU C 43 -18.55 -7.86 -10.55
N VAL C 44 -19.15 -6.79 -11.06
CA VAL C 44 -19.02 -6.43 -12.47
C VAL C 44 -18.51 -5.00 -12.58
N SER C 45 -17.40 -4.85 -13.29
CA SER C 45 -16.75 -3.55 -13.46
C SER C 45 -17.54 -2.65 -14.40
N LEU C 46 -17.89 -1.47 -13.89
CA LEU C 46 -18.69 -0.52 -14.64
C LEU C 46 -17.85 0.47 -15.40
N THR C 47 -16.72 0.89 -14.80
CA THR C 47 -15.82 1.89 -15.38
C THR C 47 -14.57 2.14 -14.52
N VAL C 48 -13.49 2.57 -15.15
CA VAL C 48 -12.26 2.95 -14.44
C VAL C 48 -11.84 4.38 -14.77
N LEU C 49 -11.53 5.16 -13.73
CA LEU C 49 -11.18 6.57 -13.90
C LEU C 49 -9.74 6.81 -13.47
N VAL C 50 -8.96 7.46 -14.34
CA VAL C 50 -7.51 7.50 -14.22
C VAL C 50 -6.90 8.90 -13.94
N ASP C 51 -7.41 9.91 -14.65
CA ASP C 51 -6.77 11.24 -14.63
C ASP C 51 -7.31 12.18 -13.57
N GLN C 52 -6.65 13.31 -13.40
CA GLN C 52 -6.96 14.30 -12.35
C GLN C 52 -8.40 14.83 -12.42
N LYS C 53 -8.89 15.06 -13.64
CA LYS C 53 -10.29 15.44 -13.85
C LYS C 53 -10.81 14.57 -14.98
N ASP C 54 -11.43 13.45 -14.61
CA ASP C 54 -11.78 12.40 -15.56
C ASP C 54 -13.29 12.25 -15.76
N LYS C 55 -13.67 11.53 -16.83
CA LYS C 55 -15.07 11.23 -17.16
C LYS C 55 -15.13 10.08 -18.16
N THR C 56 -16.07 9.15 -17.98
CA THR C 56 -16.25 8.01 -18.90
C THR C 56 -17.69 7.61 -19.10
N SER C 57 -18.01 7.16 -20.32
CA SER C 57 -19.37 6.72 -20.67
C SER C 57 -19.46 5.23 -21.00
N ASN C 58 -20.26 4.51 -20.22
CA ASN C 58 -20.48 3.08 -20.41
C ASN C 58 -21.96 2.86 -20.74
N GLY C 59 -22.30 3.08 -22.01
CA GLY C 59 -23.68 2.93 -22.46
C GLY C 59 -24.66 3.75 -21.64
N ARG C 60 -25.27 3.13 -20.65
CA ARG C 60 -26.27 3.79 -19.80
C ARG C 60 -25.64 4.36 -18.52
N TYR C 61 -24.37 4.02 -18.30
CA TYR C 61 -23.61 4.51 -17.15
C TYR C 61 -22.69 5.67 -17.54
N SER C 62 -22.35 6.50 -16.56
CA SER C 62 -21.43 7.64 -16.73
C SER C 62 -20.88 8.08 -15.37
N ALA C 63 -19.57 8.31 -15.31
CA ALA C 63 -18.94 8.65 -14.05
C ALA C 63 -17.92 9.77 -14.20
N THR C 64 -17.81 10.59 -13.16
CA THR C 64 -16.80 11.66 -13.11
C THR C 64 -15.91 11.51 -11.87
N LEU C 65 -14.71 12.10 -11.94
CA LEU C 65 -13.75 12.03 -10.85
C LEU C 65 -12.97 13.32 -10.73
N ASP C 66 -12.93 13.88 -9.52
CA ASP C 66 -12.05 15.01 -9.24
C ASP C 66 -11.09 14.63 -8.12
N LYS C 67 -9.80 14.58 -8.45
CA LYS C 67 -8.76 14.17 -7.51
C LYS C 67 -8.39 15.28 -6.53
N ASP C 68 -8.66 16.52 -6.94
CA ASP C 68 -8.49 17.68 -6.06
C ASP C 68 -9.41 17.59 -4.84
N ALA C 69 -10.67 17.23 -5.08
CA ALA C 69 -11.67 17.10 -4.01
C ALA C 69 -11.82 15.66 -3.52
N LYS C 70 -10.96 14.77 -4.04
CA LYS C 70 -10.97 13.35 -3.68
C LYS C 70 -12.39 12.80 -3.74
N HIS C 71 -13.04 13.03 -4.88
CA HIS C 71 -14.48 12.87 -5.00
C HIS C 71 -14.86 12.29 -6.36
N SER C 72 -15.87 11.43 -6.37
CA SER C 72 -16.38 10.83 -7.59
C SER C 72 -17.89 10.66 -7.51
N THR C 73 -18.53 10.73 -8.68
CA THR C 73 -19.96 10.50 -8.79
C THR C 73 -20.24 9.49 -9.90
N LEU C 74 -21.31 8.71 -9.75
CA LEU C 74 -21.77 7.79 -10.77
C LEU C 74 -23.22 8.11 -11.12
N HIS C 75 -23.49 8.25 -12.42
CA HIS C 75 -24.84 8.52 -12.92
C HIS C 75 -25.38 7.33 -13.69
N ILE C 76 -26.66 7.01 -13.49
CA ILE C 76 -27.36 6.08 -14.35
C ILE C 76 -28.55 6.79 -14.98
N THR C 77 -28.48 7.03 -16.29
CA THR C 77 -29.55 7.69 -17.03
C THR C 77 -30.64 6.67 -17.34
N ALA C 78 -31.90 7.06 -17.12
CA ALA C 78 -33.07 6.22 -17.39
C ALA C 78 -32.94 4.79 -16.84
N THR C 79 -33.08 4.67 -15.52
CA THR C 79 -32.82 3.43 -14.79
C THR C 79 -33.84 2.33 -15.07
N LEU C 80 -33.33 1.10 -15.15
CA LEU C 80 -34.17 -0.08 -15.35
C LEU C 80 -34.31 -0.87 -14.04
N LEU C 81 -35.22 -1.85 -14.04
CA LEU C 81 -35.42 -2.71 -12.87
C LEU C 81 -34.21 -3.60 -12.56
N ASP C 82 -33.49 -4.02 -13.61
CA ASP C 82 -32.29 -4.84 -13.45
C ASP C 82 -31.11 -4.06 -12.89
N ASP C 83 -31.31 -2.77 -12.69
CA ASP C 83 -30.30 -1.91 -12.07
C ASP C 83 -30.31 -2.03 -10.55
N THR C 84 -31.26 -2.80 -10.02
CA THR C 84 -31.34 -3.09 -8.60
C THR C 84 -30.13 -3.94 -8.25
N ALA C 85 -29.17 -3.32 -7.56
CA ALA C 85 -27.93 -3.96 -7.19
C ALA C 85 -27.19 -3.08 -6.17
N THR C 86 -26.04 -3.56 -5.70
CA THR C 86 -25.16 -2.77 -4.86
C THR C 86 -24.06 -2.17 -5.73
N TYR C 87 -23.78 -0.90 -5.51
CA TYR C 87 -22.78 -0.20 -6.30
C TYR C 87 -21.54 0.20 -5.48
N ILE C 88 -20.40 -0.40 -5.81
CA ILE C 88 -19.17 -0.30 -4.99
C ILE C 88 -18.10 0.61 -5.61
N CYS C 89 -17.75 1.65 -4.88
CA CYS C 89 -16.69 2.59 -5.27
C CYS C 89 -15.37 2.13 -4.66
N VAL C 90 -14.33 2.02 -5.47
CA VAL C 90 -13.03 1.52 -5.00
C VAL C 90 -11.84 2.33 -5.55
N VAL C 91 -10.81 2.50 -4.73
CA VAL C 91 -9.65 3.33 -5.12
C VAL C 91 -8.37 2.52 -5.32
N GLY C 92 -7.69 2.79 -6.43
CA GLY C 92 -6.42 2.14 -6.75
C GLY C 92 -5.24 2.84 -6.09
N ASP C 93 -4.57 2.10 -5.22
CA ASP C 93 -3.39 2.54 -4.45
C ASP C 93 -2.16 2.88 -5.32
N ARG C 94 -1.91 2.07 -6.35
CA ARG C 94 -0.80 2.31 -7.30
C ARG C 94 -1.29 2.29 -8.75
N GLY C 95 -0.38 2.60 -9.67
CA GLY C 95 -0.63 2.48 -11.10
C GLY C 95 -0.03 1.20 -11.65
N SER C 96 0.28 0.26 -10.77
CA SER C 96 0.82 -1.04 -11.16
C SER C 96 0.28 -2.14 -10.24
N ALA C 97 0.69 -3.38 -10.51
CA ALA C 97 0.28 -4.53 -9.71
C ALA C 97 0.82 -4.52 -8.28
N LEU C 98 1.72 -3.59 -7.98
CA LEU C 98 2.16 -3.33 -6.60
C LEU C 98 1.06 -2.69 -5.73
N GLY C 99 0.01 -2.19 -6.37
CA GLY C 99 -1.07 -1.50 -5.66
C GLY C 99 -2.16 -2.38 -5.10
N ARG C 100 -2.92 -1.80 -4.16
CA ARG C 100 -4.01 -2.49 -3.47
C ARG C 100 -5.30 -1.71 -3.67
N LEU C 101 -6.42 -2.42 -3.66
CA LEU C 101 -7.71 -1.77 -3.82
C LEU C 101 -8.29 -1.49 -2.44
N HIS C 102 -8.94 -0.33 -2.30
CA HIS C 102 -9.68 0.05 -1.10
C HIS C 102 -11.15 0.17 -1.46
N PHE C 103 -12.02 -0.52 -0.73
CA PHE C 103 -13.44 -0.59 -1.10
C PHE C 103 -14.37 0.19 -0.17
N GLY C 104 -15.27 0.97 -0.76
CA GLY C 104 -16.34 1.62 -0.01
C GLY C 104 -17.36 0.61 0.50
N ALA C 105 -18.23 1.06 1.39
CA ALA C 105 -19.23 0.16 1.98
C ALA C 105 -20.30 -0.29 0.98
N GLY C 106 -20.40 0.42 -0.14
CA GLY C 106 -21.42 0.15 -1.14
C GLY C 106 -22.65 1.00 -0.92
N THR C 107 -23.28 1.43 -2.02
CA THR C 107 -24.61 2.06 -1.96
C THR C 107 -25.61 1.10 -2.58
N GLN C 108 -26.61 0.74 -1.79
CA GLN C 108 -27.64 -0.22 -2.20
C GLN C 108 -28.69 0.49 -3.04
N LEU C 109 -28.84 0.07 -4.29
CA LEU C 109 -29.82 0.67 -5.17
C LEU C 109 -31.10 -0.17 -5.30
N ILE C 110 -32.23 0.45 -4.97
CA ILE C 110 -33.54 -0.20 -5.07
C ILE C 110 -34.38 0.52 -6.12
N VAL C 111 -34.72 -0.19 -7.18
CA VAL C 111 -35.55 0.34 -8.27
C VAL C 111 -36.99 -0.12 -8.10
N ILE C 112 -37.90 0.85 -8.02
CA ILE C 112 -39.33 0.57 -7.92
C ILE C 112 -40.06 0.95 -9.22
N PRO C 113 -40.98 0.09 -9.69
CA PRO C 113 -41.53 0.22 -11.04
C PRO C 113 -42.52 1.36 -11.19
N ASP C 114 -42.63 1.90 -12.40
CA ASP C 114 -43.65 2.91 -12.70
C ASP C 114 -44.96 2.20 -13.03
N ILE C 115 -45.82 2.08 -12.02
CA ILE C 115 -47.11 1.45 -12.20
C ILE C 115 -48.20 2.50 -12.35
N GLN C 116 -48.46 2.90 -13.60
CA GLN C 116 -49.60 3.75 -13.93
C GLN C 116 -50.86 2.87 -13.88
N ASN C 117 -51.92 3.40 -13.26
CA ASN C 117 -53.17 2.64 -13.04
C ASN C 117 -52.92 1.36 -12.23
N PRO C 118 -52.66 1.49 -10.91
CA PRO C 118 -52.49 0.35 -10.01
C PRO C 118 -53.80 -0.41 -9.79
N ASP C 119 -53.70 -1.64 -9.30
CA ASP C 119 -54.86 -2.51 -9.12
C ASP C 119 -54.79 -3.29 -7.79
N PRO C 120 -54.73 -2.58 -6.65
CA PRO C 120 -54.45 -3.24 -5.37
C PRO C 120 -55.51 -4.27 -4.98
N ALA C 121 -55.05 -5.46 -4.59
CA ALA C 121 -55.93 -6.55 -4.18
C ALA C 121 -55.19 -7.58 -3.33
N VAL C 122 -55.88 -8.16 -2.34
CA VAL C 122 -55.33 -9.23 -1.51
C VAL C 122 -56.10 -10.55 -1.70
N TYR C 123 -55.43 -11.55 -2.28
CA TYR C 123 -56.07 -12.83 -2.61
C TYR C 123 -55.55 -13.93 -1.72
N GLN C 124 -56.39 -14.94 -1.46
CA GLN C 124 -55.96 -16.12 -0.72
C GLN C 124 -55.82 -17.32 -1.64
N LEU C 125 -54.69 -18.00 -1.51
CA LEU C 125 -54.34 -19.13 -2.36
C LEU C 125 -54.21 -20.38 -1.49
N ARG C 126 -54.70 -21.51 -1.98
CA ARG C 126 -54.69 -22.75 -1.22
C ARG C 126 -53.63 -23.72 -1.72
N ASP C 127 -53.13 -24.56 -0.82
CA ASP C 127 -52.13 -25.57 -1.16
C ASP C 127 -52.67 -26.53 -2.20
N SER C 128 -51.84 -26.87 -3.18
CA SER C 128 -52.16 -27.84 -4.23
C SER C 128 -52.46 -29.22 -3.64
N LYS C 129 -51.57 -29.70 -2.78
CA LYS C 129 -51.83 -30.89 -1.97
C LYS C 129 -52.82 -30.54 -0.86
N SER C 130 -53.63 -31.52 -0.48
CA SER C 130 -54.71 -31.29 0.48
C SER C 130 -54.46 -32.00 1.82
N SER C 131 -54.57 -31.30 2.95
CA SER C 131 -54.81 -29.85 3.08
C SER C 131 -54.40 -29.48 4.53
N ASP C 132 -54.78 -28.34 5.10
CA ASP C 132 -55.53 -27.25 4.48
C ASP C 132 -54.73 -25.98 4.73
N LYS C 133 -53.52 -25.95 4.18
CA LYS C 133 -52.65 -24.79 4.29
C LYS C 133 -52.95 -23.77 3.18
N SER C 134 -52.81 -22.49 3.51
CA SER C 134 -53.10 -21.41 2.58
C SER C 134 -52.13 -20.22 2.73
N VAL C 135 -52.16 -19.32 1.75
CA VAL C 135 -51.26 -18.18 1.65
C VAL C 135 -52.01 -16.95 1.13
N CYS C 136 -51.54 -15.75 1.48
CA CYS C 136 -52.13 -14.52 0.97
C CYS C 136 -51.21 -13.82 -0.02
N LEU C 137 -51.81 -13.31 -1.09
CA LEU C 137 -51.08 -12.54 -2.10
C LEU C 137 -51.59 -11.11 -2.20
N PHE C 138 -50.73 -10.16 -1.85
CA PHE C 138 -51.01 -8.74 -2.02
C PHE C 138 -50.39 -8.30 -3.33
N THR C 139 -51.22 -7.95 -4.31
CA THR C 139 -50.71 -7.56 -5.62
C THR C 139 -51.03 -6.13 -6.02
N ASP C 140 -50.10 -5.52 -6.74
CA ASP C 140 -50.29 -4.25 -7.43
C ASP C 140 -50.54 -3.05 -6.52
N PHE C 141 -49.72 -2.92 -5.48
CA PHE C 141 -49.69 -1.68 -4.72
C PHE C 141 -48.54 -0.81 -5.26
N ASP C 142 -48.77 0.50 -5.36
CA ASP C 142 -47.71 1.45 -5.75
C ASP C 142 -46.72 1.62 -4.60
N SER C 143 -45.43 1.67 -4.93
CA SER C 143 -44.38 1.52 -3.90
C SER C 143 -44.11 2.72 -2.97
N GLN C 144 -45.19 3.38 -2.55
CA GLN C 144 -45.17 4.22 -1.36
C GLN C 144 -45.66 3.30 -0.23
N THR C 145 -46.72 2.55 -0.55
CA THR C 145 -47.31 1.55 0.33
C THR C 145 -46.35 0.40 0.67
N VAL C 155 -46.66 -15.21 12.59
CA VAL C 155 -46.95 -14.58 11.30
C VAL C 155 -45.65 -14.24 10.58
N TYR C 156 -45.54 -14.68 9.32
CA TYR C 156 -44.31 -14.54 8.54
C TYR C 156 -44.59 -13.86 7.19
N ILE C 157 -44.44 -12.54 7.15
CA ILE C 157 -44.74 -11.74 5.96
C ILE C 157 -43.49 -11.56 5.09
N THR C 158 -43.62 -11.78 3.79
CA THR C 158 -42.51 -11.56 2.86
C THR C 158 -42.34 -10.08 2.61
N ASP C 159 -41.08 -9.66 2.45
CA ASP C 159 -40.76 -8.32 1.99
C ASP C 159 -41.34 -8.11 0.58
N LYS C 160 -41.73 -6.87 0.26
CA LYS C 160 -42.28 -6.59 -1.06
C LYS C 160 -41.25 -6.84 -2.16
N THR C 161 -41.66 -7.59 -3.19
CA THR C 161 -40.81 -7.84 -4.35
C THR C 161 -41.34 -7.07 -5.55
N VAL C 162 -40.54 -7.04 -6.62
CA VAL C 162 -40.90 -6.30 -7.83
C VAL C 162 -40.91 -7.23 -9.05
N LEU C 163 -42.09 -7.38 -9.69
CA LEU C 163 -42.25 -8.15 -10.91
C LEU C 163 -41.86 -7.38 -12.18
N ASP C 164 -42.10 -7.97 -13.35
CA ASP C 164 -41.76 -7.32 -14.62
C ASP C 164 -42.89 -7.41 -15.65
N PHE C 170 -46.25 -5.16 -17.84
CA PHE C 170 -46.98 -5.12 -16.58
C PHE C 170 -46.12 -5.59 -15.40
N LYS C 171 -45.34 -4.65 -14.84
CA LYS C 171 -44.58 -4.89 -13.63
C LYS C 171 -45.48 -4.71 -12.39
N SER C 172 -45.30 -5.57 -11.39
CA SER C 172 -46.11 -5.47 -10.15
C SER C 172 -45.32 -5.62 -8.84
N ASN C 173 -45.64 -4.77 -7.88
CA ASN C 173 -45.20 -4.94 -6.51
C ASN C 173 -46.12 -5.97 -5.88
N SER C 174 -45.55 -7.00 -5.26
CA SER C 174 -46.38 -8.02 -4.64
C SER C 174 -45.78 -8.59 -3.37
N ALA C 175 -46.62 -8.78 -2.36
CA ALA C 175 -46.21 -9.37 -1.09
C ALA C 175 -46.94 -10.68 -0.86
N VAL C 176 -46.36 -11.51 -0.01
CA VAL C 176 -46.93 -12.82 0.34
C VAL C 176 -46.86 -12.96 1.85
N ALA C 177 -47.95 -13.38 2.45
CA ALA C 177 -47.98 -13.59 3.89
C ALA C 177 -48.54 -14.95 4.23
N TRP C 178 -47.88 -15.64 5.15
CA TRP C 178 -48.37 -16.92 5.64
C TRP C 178 -48.18 -17.01 7.15
N SER C 179 -49.03 -17.82 7.78
CA SER C 179 -49.01 -17.99 9.22
C SER C 179 -49.80 -19.23 9.59
N ASN C 180 -49.42 -19.83 10.70
CA ASN C 180 -50.14 -20.97 11.25
C ASN C 180 -50.73 -20.61 12.61
N LYS C 181 -51.85 -19.90 12.57
CA LYS C 181 -52.53 -19.47 13.79
C LYS C 181 -54.04 -19.61 13.64
N SER C 182 -54.69 -20.01 14.73
CA SER C 182 -56.14 -20.17 14.78
C SER C 182 -56.83 -18.87 14.39
N ASP C 183 -57.48 -18.88 13.22
CA ASP C 183 -58.10 -17.70 12.61
C ASP C 183 -57.04 -16.66 12.21
N PHE C 184 -56.68 -16.65 10.93
CA PHE C 184 -55.57 -15.83 10.47
C PHE C 184 -55.91 -14.31 10.49
N ALA C 185 -56.53 -13.71 9.47
CA ALA C 185 -56.82 -14.25 8.14
C ALA C 185 -56.42 -13.17 7.15
N CYS C 186 -56.45 -13.49 5.85
CA CYS C 186 -55.87 -12.63 4.80
C CYS C 186 -56.31 -11.16 4.81
N ALA C 187 -57.60 -10.89 5.04
CA ALA C 187 -58.10 -9.52 5.04
C ALA C 187 -57.29 -8.61 5.95
N ASN C 188 -56.94 -9.12 7.12
CA ASN C 188 -56.14 -8.38 8.09
C ASN C 188 -54.71 -8.90 8.24
N ALA C 189 -54.14 -9.41 7.13
CA ALA C 189 -52.80 -9.98 7.14
C ALA C 189 -51.73 -8.90 7.14
N PHE C 190 -51.97 -7.84 6.37
CA PHE C 190 -51.06 -6.70 6.29
C PHE C 190 -51.56 -5.56 7.19
N ASN C 191 -51.92 -5.93 8.43
CA ASN C 191 -52.50 -5.03 9.42
C ASN C 191 -51.51 -4.01 9.98
N ASN C 192 -50.22 -4.27 9.74
CA ASN C 192 -49.14 -3.34 10.10
C ASN C 192 -48.63 -2.62 8.84
N SER C 193 -49.55 -2.34 7.92
CA SER C 193 -49.16 -1.77 6.63
C SER C 193 -50.05 -0.62 6.15
N ILE C 194 -49.43 0.25 5.35
CA ILE C 194 -50.13 1.28 4.61
C ILE C 194 -50.76 0.57 3.41
N ILE C 195 -52.09 0.59 3.37
CA ILE C 195 -52.87 -0.11 2.33
C ILE C 195 -53.79 0.89 1.61
N PRO C 196 -53.85 0.79 0.26
CA PRO C 196 -54.71 1.68 -0.52
C PRO C 196 -56.18 1.55 -0.12
N GLU C 197 -56.88 2.68 -0.12
CA GLU C 197 -58.27 2.74 0.33
C GLU C 197 -59.24 2.01 -0.61
N ASP C 198 -58.73 1.58 -1.76
CA ASP C 198 -59.53 0.95 -2.81
C ASP C 198 -59.09 -0.50 -3.09
N THR C 199 -58.48 -1.13 -2.09
CA THR C 199 -57.96 -2.50 -2.22
C THR C 199 -59.11 -3.52 -2.23
N PHE C 200 -59.01 -4.50 -3.14
CA PHE C 200 -60.02 -5.52 -3.29
C PHE C 200 -59.77 -6.66 -2.30
N PHE C 201 -60.72 -6.88 -1.40
CA PHE C 201 -60.64 -7.96 -0.42
C PHE C 201 -61.76 -8.99 -0.58
N PRO C 202 -61.65 -9.90 -1.57
CA PRO C 202 -62.67 -10.91 -1.80
C PRO C 202 -62.85 -11.86 -0.62
N SER C 203 -64.10 -12.16 -0.27
CA SER C 203 -64.42 -13.13 0.77
C SER C 203 -63.88 -14.49 0.38
N PRO C 204 -63.30 -15.24 1.35
CA PRO C 204 -62.61 -16.49 1.03
C PRO C 204 -63.49 -17.74 1.24
N LEU D 3 -9.95 -19.23 -17.69
CA LEU D 3 -10.27 -17.87 -17.14
C LEU D 3 -9.60 -17.68 -15.78
N LEU D 4 -10.27 -18.16 -14.72
CA LEU D 4 -9.75 -18.17 -13.35
C LEU D 4 -10.67 -19.05 -12.49
N GLU D 5 -10.26 -20.29 -12.25
CA GLU D 5 -11.11 -21.29 -11.60
C GLU D 5 -10.96 -21.30 -10.07
N GLN D 6 -12.08 -21.06 -9.39
CA GLN D 6 -12.11 -20.92 -7.93
C GLN D 6 -12.84 -22.10 -7.28
N ASN D 7 -12.17 -22.78 -6.36
CA ASN D 7 -12.68 -24.03 -5.79
C ASN D 7 -12.39 -24.18 -4.29
N PRO D 8 -13.38 -24.67 -3.51
CA PRO D 8 -14.73 -24.98 -3.97
C PRO D 8 -15.61 -23.74 -4.03
N ARG D 9 -16.78 -23.86 -4.65
CA ARG D 9 -17.69 -22.73 -4.80
C ARG D 9 -18.41 -22.38 -3.50
N TRP D 10 -18.70 -23.41 -2.70
CA TRP D 10 -19.47 -23.28 -1.46
C TRP D 10 -18.99 -24.31 -0.44
N ARG D 11 -19.00 -23.96 0.83
CA ARG D 11 -18.59 -24.89 1.90
C ARG D 11 -19.24 -24.58 3.25
N LEU D 12 -19.66 -25.64 3.95
CA LEU D 12 -20.13 -25.53 5.34
C LEU D 12 -18.99 -25.81 6.32
N VAL D 13 -18.79 -24.89 7.26
CA VAL D 13 -17.66 -24.97 8.19
C VAL D 13 -18.13 -25.08 9.65
N PRO D 14 -18.06 -26.30 10.23
CA PRO D 14 -18.34 -26.46 11.66
C PRO D 14 -17.38 -25.66 12.52
N ARG D 15 -17.91 -24.62 13.17
CA ARG D 15 -17.12 -23.65 13.95
C ARG D 15 -15.99 -24.29 14.75
N GLY D 16 -14.77 -24.04 14.28
CA GLY D 16 -13.57 -24.62 14.89
C GLY D 16 -12.90 -25.64 14.00
N GLN D 17 -12.94 -25.42 12.69
CA GLN D 17 -12.25 -26.28 11.73
C GLN D 17 -11.75 -25.45 10.53
N ALA D 18 -10.76 -25.99 9.83
CA ALA D 18 -10.11 -25.30 8.72
C ALA D 18 -10.72 -25.62 7.35
N VAL D 19 -10.35 -24.84 6.34
CA VAL D 19 -10.82 -25.04 4.98
C VAL D 19 -9.69 -24.79 3.99
N ASN D 20 -9.65 -25.57 2.92
CA ASN D 20 -8.67 -25.37 1.85
C ASN D 20 -9.33 -24.80 0.61
N LEU D 21 -8.81 -23.67 0.14
CA LEU D 21 -9.33 -23.01 -1.05
C LEU D 21 -8.26 -22.93 -2.11
N ARG D 22 -8.66 -23.19 -3.36
CA ARG D 22 -7.73 -23.19 -4.49
C ARG D 22 -8.12 -22.13 -5.51
N CYS D 23 -7.12 -21.62 -6.21
CA CYS D 23 -7.35 -20.70 -7.33
C CYS D 23 -6.43 -21.03 -8.52
N ILE D 24 -6.79 -22.09 -9.25
CA ILE D 24 -6.08 -22.47 -10.48
C ILE D 24 -6.30 -21.41 -11.56
N LEU D 25 -5.21 -20.93 -12.15
CA LEU D 25 -5.27 -19.90 -13.17
C LEU D 25 -4.90 -20.47 -14.54
N LYS D 26 -5.75 -20.19 -15.53
CA LYS D 26 -5.67 -20.84 -16.84
C LYS D 26 -4.60 -20.26 -17.77
N ASN D 27 -4.28 -18.98 -17.61
CA ASN D 27 -3.28 -18.31 -18.43
C ASN D 27 -2.17 -17.65 -17.60
N SER D 28 -0.93 -18.06 -17.86
CA SER D 28 0.24 -17.63 -17.08
C SER D 28 0.67 -16.19 -17.36
N GLN D 29 0.03 -15.54 -18.34
CA GLN D 29 0.36 -14.16 -18.70
C GLN D 29 -0.14 -13.13 -17.68
N TYR D 30 -1.10 -13.54 -16.84
CA TYR D 30 -1.61 -12.71 -15.74
C TYR D 30 -1.21 -13.34 -14.40
N PRO D 31 -0.03 -12.98 -13.88
CA PRO D 31 0.59 -13.73 -12.78
C PRO D 31 0.37 -13.15 -11.38
N TRP D 32 -0.19 -11.94 -11.31
CA TRP D 32 -0.35 -11.24 -10.05
C TRP D 32 -1.63 -11.65 -9.33
N MET D 33 -1.58 -12.81 -8.69
CA MET D 33 -2.72 -13.35 -8.00
C MET D 33 -2.82 -12.75 -6.60
N SER D 34 -4.04 -12.44 -6.18
CA SER D 34 -4.28 -11.89 -4.84
C SER D 34 -5.64 -12.30 -4.28
N TRP D 35 -5.76 -12.26 -2.96
CA TRP D 35 -6.99 -12.65 -2.25
C TRP D 35 -7.74 -11.45 -1.70
N TYR D 36 -9.05 -11.44 -1.92
CA TYR D 36 -9.93 -10.42 -1.35
C TYR D 36 -11.07 -11.07 -0.55
N GLN D 37 -11.36 -10.48 0.60
CA GLN D 37 -12.39 -10.97 1.50
C GLN D 37 -13.64 -10.08 1.43
N GLN D 38 -14.82 -10.67 1.55
CA GLN D 38 -16.06 -9.90 1.67
C GLN D 38 -16.91 -10.47 2.80
N ASP D 39 -17.06 -9.72 3.90
CA ASP D 39 -17.80 -10.20 5.08
C ASP D 39 -19.33 -10.22 4.86
N LEU D 40 -20.06 -10.78 5.83
CA LEU D 40 -21.52 -10.93 5.73
C LEU D 40 -22.29 -9.61 5.61
N GLN D 41 -21.58 -8.51 5.82
CA GLN D 41 -22.13 -7.16 5.67
C GLN D 41 -21.73 -6.53 4.33
N LYS D 42 -21.22 -7.38 3.44
CA LYS D 42 -20.84 -7.04 2.06
C LYS D 42 -19.66 -6.07 1.93
N GLN D 43 -18.86 -5.94 2.98
CA GLN D 43 -17.68 -5.08 2.94
C GLN D 43 -16.48 -5.84 2.41
N LEU D 44 -15.91 -5.37 1.30
CA LEU D 44 -14.74 -6.00 0.69
C LEU D 44 -13.42 -5.51 1.29
N GLN D 45 -12.43 -6.41 1.31
CA GLN D 45 -11.12 -6.10 1.87
C GLN D 45 -10.02 -6.95 1.23
N TRP D 46 -8.86 -6.35 1.00
CA TRP D 46 -7.69 -7.05 0.47
C TRP D 46 -7.03 -7.88 1.56
N LEU D 47 -6.65 -9.11 1.20
CA LEU D 47 -5.95 -9.99 2.14
C LEU D 47 -4.45 -10.11 1.85
N PHE D 48 -4.10 -10.82 0.78
CA PHE D 48 -2.71 -11.07 0.41
C PHE D 48 -2.52 -10.90 -1.09
N THR D 49 -1.31 -10.56 -1.51
CA THR D 49 -0.99 -10.49 -2.94
C THR D 49 0.35 -11.18 -3.22
N LEU D 50 0.30 -12.31 -3.91
CA LEU D 50 1.48 -13.17 -4.10
C LEU D 50 1.85 -13.32 -5.57
N ARG D 51 3.15 -13.28 -5.85
CA ARG D 51 3.65 -13.33 -7.21
C ARG D 51 4.53 -14.56 -7.48
N SER D 52 5.45 -14.85 -6.56
CA SER D 52 6.43 -15.92 -6.74
C SER D 52 5.96 -17.27 -6.19
N PRO D 53 6.35 -18.37 -6.87
CA PRO D 53 6.03 -19.70 -6.37
C PRO D 53 6.88 -20.05 -5.14
N GLY D 54 6.24 -20.28 -4.01
CA GLY D 54 6.92 -20.61 -2.76
C GLY D 54 6.70 -19.56 -1.69
N ASP D 55 6.06 -18.47 -2.08
CA ASP D 55 5.73 -17.36 -1.18
C ASP D 55 4.51 -17.70 -0.34
N LYS D 56 4.69 -17.80 0.97
CA LYS D 56 3.59 -18.06 1.89
C LYS D 56 3.47 -16.95 2.95
N GLU D 57 2.25 -16.48 3.20
CA GLU D 57 2.04 -15.39 4.15
C GLU D 57 0.82 -15.60 5.05
N VAL D 58 0.90 -15.08 6.27
CA VAL D 58 -0.13 -15.25 7.31
C VAL D 58 -0.78 -13.90 7.65
N LYS D 59 -2.05 -13.91 8.01
CA LYS D 59 -2.75 -12.70 8.44
C LYS D 59 -3.96 -13.05 9.29
N SER D 60 -4.17 -12.30 10.36
CA SER D 60 -5.27 -12.55 11.27
C SER D 60 -6.30 -11.42 11.24
N LEU D 61 -7.54 -11.79 10.97
CA LEU D 61 -8.65 -10.83 10.88
C LEU D 61 -9.87 -11.28 11.68
N PRO D 62 -10.62 -10.32 12.25
CA PRO D 62 -11.93 -10.66 12.82
C PRO D 62 -12.90 -11.00 11.70
N GLY D 63 -13.50 -12.19 11.71
CA GLY D 63 -13.19 -13.27 12.64
C GLY D 63 -12.93 -14.53 11.82
N ALA D 64 -11.71 -14.61 11.29
CA ALA D 64 -11.20 -15.77 10.56
C ALA D 64 -9.68 -15.62 10.34
N ASP D 65 -8.93 -16.68 10.62
CA ASP D 65 -7.48 -16.67 10.40
C ASP D 65 -7.10 -17.33 9.09
N TYR D 66 -6.19 -16.69 8.36
CA TYR D 66 -5.80 -17.13 7.02
C TYR D 66 -4.35 -17.57 6.92
N LEU D 67 -4.09 -18.50 5.99
CA LEU D 67 -2.74 -18.81 5.55
C LEU D 67 -2.76 -19.07 4.04
N ALA D 68 -2.15 -18.15 3.30
CA ALA D 68 -2.16 -18.20 1.85
C ALA D 68 -0.78 -18.52 1.33
N THR D 69 -0.70 -19.52 0.45
CA THR D 69 0.56 -19.81 -0.25
C THR D 69 0.37 -19.80 -1.77
N ARG D 70 1.43 -19.46 -2.47
CA ARG D 70 1.50 -19.57 -3.92
C ARG D 70 2.41 -20.77 -4.21
N VAL D 71 1.78 -21.92 -4.45
CA VAL D 71 2.50 -23.19 -4.60
C VAL D 71 3.27 -23.25 -5.93
N THR D 72 2.54 -23.11 -7.03
CA THR D 72 3.11 -23.09 -8.36
C THR D 72 2.75 -21.78 -9.06
N ASP D 73 3.23 -21.59 -10.29
CA ASP D 73 2.95 -20.38 -11.08
C ASP D 73 1.49 -20.28 -11.52
N THR D 74 0.74 -21.38 -11.36
CA THR D 74 -0.66 -21.44 -11.77
C THR D 74 -1.62 -21.60 -10.59
N GLU D 75 -1.20 -22.34 -9.57
CA GLU D 75 -2.06 -22.64 -8.42
C GLU D 75 -1.83 -21.67 -7.25
N LEU D 76 -2.93 -21.21 -6.68
CA LEU D 76 -2.91 -20.35 -5.48
C LEU D 76 -3.82 -20.90 -4.38
N ARG D 77 -3.25 -21.20 -3.22
CA ARG D 77 -3.99 -21.78 -2.10
C ARG D 77 -4.34 -20.74 -1.03
N LEU D 78 -5.32 -21.08 -0.20
CA LEU D 78 -5.65 -20.29 0.99
C LEU D 78 -6.33 -21.18 2.02
N GLN D 79 -5.61 -21.46 3.10
CA GLN D 79 -6.16 -22.21 4.22
C GLN D 79 -6.85 -21.23 5.18
N VAL D 80 -8.14 -21.48 5.42
CA VAL D 80 -8.94 -20.62 6.30
C VAL D 80 -9.30 -21.37 7.58
N ALA D 81 -8.85 -20.85 8.71
CA ALA D 81 -9.06 -21.51 10.01
C ALA D 81 -9.85 -20.62 10.97
N ASN D 82 -10.18 -21.18 12.13
CA ASN D 82 -10.85 -20.45 13.23
C ASN D 82 -11.91 -19.42 12.81
N MET D 83 -12.83 -19.83 11.94
CA MET D 83 -13.91 -18.97 11.51
C MET D 83 -14.93 -18.77 12.62
N SER D 84 -15.27 -17.51 12.86
CA SER D 84 -16.26 -17.15 13.87
C SER D 84 -17.56 -16.82 13.18
N GLN D 85 -17.43 -16.23 11.98
CA GLN D 85 -18.57 -15.76 11.19
C GLN D 85 -18.25 -15.82 9.68
N GLY D 86 -19.32 -15.94 8.89
CA GLY D 86 -19.22 -16.17 7.44
C GLY D 86 -18.44 -15.15 6.62
N ARG D 87 -17.68 -15.69 5.68
CA ARG D 87 -16.82 -14.92 4.78
C ARG D 87 -17.10 -15.42 3.38
N THR D 88 -16.91 -14.57 2.38
CA THR D 88 -16.83 -15.07 1.01
C THR D 88 -15.56 -14.50 0.38
N LEU D 89 -14.81 -15.38 -0.29
CA LEU D 89 -13.45 -15.06 -0.72
C LEU D 89 -13.27 -14.99 -2.23
N TYR D 90 -12.68 -13.89 -2.68
CA TYR D 90 -12.53 -13.60 -4.10
C TYR D 90 -11.06 -13.62 -4.51
N CYS D 91 -10.82 -14.15 -5.70
CA CYS D 91 -9.48 -14.31 -6.24
C CYS D 91 -9.35 -13.46 -7.49
N THR D 92 -8.30 -12.63 -7.53
CA THR D 92 -8.07 -11.75 -8.68
C THR D 92 -6.67 -11.87 -9.28
N SER D 93 -6.60 -11.73 -10.59
CA SER D 93 -5.33 -11.69 -11.30
C SER D 93 -5.30 -10.55 -12.31
N SER D 94 -4.13 -9.98 -12.48
CA SER D 94 -3.87 -9.00 -13.53
C SER D 94 -2.45 -9.22 -14.01
N ALA D 95 -2.05 -8.51 -15.06
CA ALA D 95 -0.65 -8.49 -15.48
C ALA D 95 0.09 -7.46 -14.62
N ASP D 96 1.21 -6.95 -15.10
CA ASP D 96 1.90 -5.87 -14.41
C ASP D 96 1.07 -4.57 -14.46
N HIS D 97 0.71 -4.15 -15.67
CA HIS D 97 -0.26 -3.07 -15.87
C HIS D 97 -1.63 -3.61 -15.47
N TRP D 98 -2.51 -2.73 -15.01
CA TRP D 98 -3.85 -3.17 -14.64
C TRP D 98 -4.93 -2.08 -14.84
N THR D 99 -4.65 -1.10 -15.70
CA THR D 99 -5.54 0.05 -15.90
C THR D 99 -5.71 0.46 -17.36
N ASN D 100 -4.81 1.32 -17.87
CA ASN D 100 -4.82 1.77 -19.27
C ASN D 100 -4.80 0.56 -20.20
N THR D 101 -3.66 -0.11 -20.21
CA THR D 101 -3.58 -1.49 -20.69
C THR D 101 -4.02 -2.32 -19.50
N GLY D 102 -5.33 -2.60 -19.43
CA GLY D 102 -5.88 -3.43 -18.37
C GLY D 102 -5.52 -4.89 -18.60
N GLN D 103 -6.33 -5.80 -18.07
CA GLN D 103 -7.46 -5.45 -17.22
C GLN D 103 -7.19 -6.09 -15.86
N LEU D 104 -8.11 -5.92 -14.93
CA LEU D 104 -8.11 -6.67 -13.69
C LEU D 104 -9.30 -7.63 -13.71
N TYR D 105 -9.06 -8.89 -13.38
CA TYR D 105 -10.10 -9.90 -13.48
C TYR D 105 -10.51 -10.47 -12.12
N PHE D 106 -11.80 -10.73 -11.96
CA PHE D 106 -12.35 -11.27 -10.73
C PHE D 106 -12.90 -12.68 -10.92
N GLY D 107 -12.73 -13.53 -9.90
CA GLY D 107 -13.24 -14.89 -9.93
C GLY D 107 -14.69 -14.96 -9.48
N GLU D 108 -15.25 -16.17 -9.46
CA GLU D 108 -16.64 -16.37 -9.05
C GLU D 108 -16.81 -16.33 -7.52
N GLY D 109 -15.73 -16.61 -6.80
CA GLY D 109 -15.73 -16.53 -5.34
C GLY D 109 -16.02 -17.84 -4.66
N SER D 110 -15.76 -17.89 -3.36
CA SER D 110 -16.06 -19.07 -2.55
C SER D 110 -16.84 -18.64 -1.31
N LYS D 111 -18.10 -19.05 -1.22
CA LYS D 111 -18.92 -18.69 -0.07
C LYS D 111 -18.77 -19.72 1.06
N LEU D 112 -18.26 -19.26 2.18
CA LEU D 112 -18.06 -20.11 3.36
C LEU D 112 -19.12 -19.74 4.39
N THR D 113 -19.89 -20.73 4.84
CA THR D 113 -20.86 -20.52 5.92
C THR D 113 -20.53 -21.33 7.15
N VAL D 114 -20.55 -20.67 8.31
CA VAL D 114 -20.16 -21.26 9.58
C VAL D 114 -21.38 -21.67 10.38
N LEU D 115 -21.41 -22.94 10.79
CA LEU D 115 -22.46 -23.43 11.68
C LEU D 115 -21.88 -23.95 12.99
N GLU D 116 -22.65 -23.80 14.07
CA GLU D 116 -22.26 -24.38 15.35
C GLU D 116 -22.46 -25.90 15.34
N ASP D 117 -23.71 -26.34 15.28
CA ASP D 117 -24.08 -27.75 15.31
C ASP D 117 -24.50 -28.25 13.92
N LEU D 118 -24.19 -29.52 13.63
CA LEU D 118 -24.56 -30.15 12.36
C LEU D 118 -26.04 -30.53 12.31
N LYS D 119 -26.59 -30.96 13.44
CA LYS D 119 -28.00 -31.33 13.55
C LYS D 119 -28.93 -30.12 13.33
N ASN D 120 -28.33 -28.95 13.23
CA ASN D 120 -29.07 -27.72 12.90
C ASN D 120 -29.43 -27.63 11.42
N VAL D 121 -28.83 -28.48 10.60
CA VAL D 121 -29.10 -28.51 9.16
C VAL D 121 -30.41 -29.24 8.87
N PHE D 122 -31.33 -28.50 8.26
CA PHE D 122 -32.62 -29.05 7.84
C PHE D 122 -32.83 -28.78 6.35
N PRO D 123 -33.38 -29.76 5.61
CA PRO D 123 -33.78 -29.54 4.22
C PRO D 123 -35.13 -28.81 4.14
N PRO D 124 -35.41 -28.13 3.03
CA PRO D 124 -36.65 -27.36 2.96
C PRO D 124 -37.87 -28.18 2.59
N GLU D 125 -38.99 -27.87 3.23
CA GLU D 125 -40.30 -28.34 2.78
C GLU D 125 -40.75 -27.38 1.67
N VAL D 126 -41.30 -27.93 0.59
CA VAL D 126 -41.76 -27.12 -0.56
C VAL D 126 -43.26 -27.29 -0.78
N ALA D 127 -43.91 -26.19 -1.17
CA ALA D 127 -45.34 -26.18 -1.43
C ALA D 127 -45.67 -25.18 -2.55
N VAL D 128 -46.53 -25.61 -3.48
CA VAL D 128 -47.05 -24.72 -4.52
C VAL D 128 -48.51 -24.43 -4.22
N PHE D 129 -48.85 -23.14 -4.19
CA PHE D 129 -50.20 -22.70 -3.90
C PHE D 129 -50.89 -22.26 -5.19
N GLU D 130 -52.06 -22.82 -5.46
CA GLU D 130 -52.76 -22.58 -6.72
C GLU D 130 -53.41 -21.20 -6.80
N PRO D 131 -53.45 -20.61 -8.00
CA PRO D 131 -53.99 -19.28 -8.22
C PRO D 131 -55.39 -19.09 -7.68
N SER D 132 -55.71 -17.87 -7.27
CA SER D 132 -57.02 -17.52 -6.76
C SER D 132 -58.05 -17.43 -7.88
N GLU D 133 -59.24 -17.99 -7.63
CA GLU D 133 -60.33 -17.93 -8.61
C GLU D 133 -60.89 -16.51 -8.71
N ALA D 134 -60.68 -15.72 -7.66
CA ALA D 134 -61.05 -14.31 -7.65
C ALA D 134 -60.08 -13.48 -8.47
N GLU D 135 -58.79 -13.82 -8.38
CA GLU D 135 -57.76 -13.13 -9.14
C GLU D 135 -57.99 -13.29 -10.65
N ILE D 136 -58.40 -14.51 -11.02
CA ILE D 136 -58.67 -14.85 -12.40
C ILE D 136 -59.84 -14.03 -12.96
N SER D 137 -60.93 -13.95 -12.20
CA SER D 137 -62.06 -13.10 -12.59
C SER D 137 -61.63 -11.66 -12.80
N HIS D 138 -61.02 -11.08 -11.76
CA HIS D 138 -60.73 -9.66 -11.68
C HIS D 138 -59.62 -9.18 -12.62
N THR D 139 -58.57 -9.96 -12.78
CA THR D 139 -57.39 -9.49 -13.54
C THR D 139 -57.10 -10.24 -14.83
N GLN D 140 -57.79 -11.34 -15.06
CA GLN D 140 -57.58 -12.20 -16.24
C GLN D 140 -56.18 -12.80 -16.30
N LYS D 141 -55.47 -12.72 -15.17
CA LYS D 141 -54.16 -13.33 -15.00
C LYS D 141 -54.21 -14.28 -13.80
N ALA D 142 -53.30 -15.24 -13.77
CA ALA D 142 -53.27 -16.25 -12.71
C ALA D 142 -51.88 -16.38 -12.13
N THR D 143 -51.77 -16.18 -10.82
CA THR D 143 -50.47 -16.24 -10.14
C THR D 143 -50.35 -17.42 -9.19
N LEU D 144 -49.33 -18.26 -9.43
CA LEU D 144 -48.97 -19.32 -8.52
C LEU D 144 -47.86 -18.81 -7.60
N VAL D 145 -47.94 -19.18 -6.32
CA VAL D 145 -46.91 -18.82 -5.35
C VAL D 145 -46.27 -20.10 -4.84
N CYS D 146 -44.94 -20.10 -4.80
CA CYS D 146 -44.19 -21.24 -4.25
C CYS D 146 -43.57 -20.85 -2.92
N LEU D 147 -43.53 -21.80 -1.99
CA LEU D 147 -43.12 -21.51 -0.63
C LEU D 147 -42.14 -22.55 -0.10
N ALA D 148 -40.87 -22.17 0.02
CA ALA D 148 -39.86 -23.03 0.59
C ALA D 148 -39.55 -22.59 2.03
N THR D 149 -39.84 -23.47 2.97
CA THR D 149 -39.77 -23.11 4.39
C THR D 149 -38.95 -24.09 5.20
N GLY D 150 -38.59 -23.66 6.42
CA GLY D 150 -37.95 -24.52 7.41
C GLY D 150 -36.62 -25.15 7.04
N PHE D 151 -35.75 -24.36 6.40
CA PHE D 151 -34.42 -24.85 6.06
C PHE D 151 -33.32 -24.06 6.75
N TYR D 152 -32.13 -24.66 6.82
CA TYR D 152 -30.94 -24.06 7.41
C TYR D 152 -29.73 -24.82 6.89
N PRO D 153 -28.68 -24.11 6.43
CA PRO D 153 -28.50 -22.66 6.31
C PRO D 153 -29.23 -22.02 5.11
N ASP D 154 -28.84 -20.80 4.76
CA ASP D 154 -29.61 -19.93 3.86
C ASP D 154 -29.33 -20.10 2.35
N HIS D 155 -28.60 -21.15 1.98
CA HIS D 155 -28.16 -21.31 0.58
C HIS D 155 -29.12 -22.19 -0.24
N VAL D 156 -30.09 -21.55 -0.89
CA VAL D 156 -31.07 -22.25 -1.75
C VAL D 156 -31.21 -21.58 -3.12
N GLU D 157 -31.40 -22.39 -4.17
CA GLU D 157 -31.58 -21.90 -5.53
C GLU D 157 -32.91 -22.36 -6.12
N LEU D 158 -33.76 -21.39 -6.45
CA LEU D 158 -35.16 -21.66 -6.82
C LEU D 158 -35.44 -21.43 -8.31
N SER D 159 -36.20 -22.34 -8.91
CA SER D 159 -36.52 -22.27 -10.34
C SER D 159 -37.93 -22.79 -10.65
N TRP D 160 -38.52 -22.27 -11.74
CA TRP D 160 -39.85 -22.71 -12.20
C TRP D 160 -39.76 -23.54 -13.47
N TRP D 161 -40.58 -24.59 -13.55
CA TRP D 161 -40.57 -25.50 -14.68
C TRP D 161 -41.99 -25.74 -15.20
N VAL D 162 -42.31 -25.10 -16.31
CA VAL D 162 -43.61 -25.27 -16.96
C VAL D 162 -43.47 -26.27 -18.10
N ASN D 163 -44.17 -27.39 -17.97
CA ASN D 163 -44.14 -28.49 -18.94
C ASN D 163 -42.74 -29.08 -19.16
N GLY D 164 -41.98 -29.20 -18.07
CA GLY D 164 -40.66 -29.84 -18.10
C GLY D 164 -39.47 -28.97 -18.47
N LYS D 165 -39.73 -27.71 -18.81
CA LYS D 165 -38.67 -26.77 -19.16
C LYS D 165 -38.69 -25.53 -18.28
N GLU D 166 -37.52 -25.00 -17.98
CA GLU D 166 -37.35 -23.85 -17.09
C GLU D 166 -37.83 -22.55 -17.74
N VAL D 167 -38.44 -21.67 -16.93
CA VAL D 167 -38.91 -20.36 -17.41
C VAL D 167 -38.50 -19.20 -16.52
N HIS D 168 -38.13 -18.09 -17.13
CA HIS D 168 -37.82 -16.84 -16.43
C HIS D 168 -38.92 -15.82 -16.66
N SER D 169 -39.69 -16.02 -17.72
CA SER D 169 -40.76 -15.10 -18.08
C SER D 169 -41.95 -15.26 -17.14
N GLY D 170 -42.15 -14.26 -16.28
CA GLY D 170 -43.27 -14.23 -15.35
C GLY D 170 -42.89 -14.58 -13.91
N VAL D 171 -41.59 -14.61 -13.63
CA VAL D 171 -41.09 -15.04 -12.32
C VAL D 171 -40.49 -13.87 -11.54
N SER D 172 -40.81 -13.79 -10.26
CA SER D 172 -40.07 -12.94 -9.33
C SER D 172 -39.89 -13.63 -7.98
N THR D 173 -38.64 -13.98 -7.66
CA THR D 173 -38.30 -14.64 -6.40
C THR D 173 -37.73 -13.63 -5.42
N ASP D 174 -37.97 -13.85 -4.13
CA ASP D 174 -37.36 -13.04 -3.06
C ASP D 174 -35.85 -12.89 -3.27
N PRO D 175 -35.30 -11.70 -2.97
CA PRO D 175 -33.85 -11.52 -3.06
C PRO D 175 -33.06 -12.41 -2.09
N GLN D 176 -33.46 -12.42 -0.81
CA GLN D 176 -32.81 -13.23 0.23
C GLN D 176 -33.88 -13.95 1.05
N PRO D 177 -33.51 -15.09 1.69
CA PRO D 177 -34.44 -15.77 2.60
C PRO D 177 -34.67 -14.97 3.88
N LEU D 178 -35.76 -15.27 4.58
CA LEU D 178 -36.10 -14.57 5.82
C LEU D 178 -36.13 -15.54 6.99
N LYS D 179 -35.84 -15.03 8.18
CA LYS D 179 -35.84 -15.85 9.39
C LYS D 179 -37.26 -16.05 9.93
N GLU D 180 -37.61 -17.30 10.21
CA GLU D 180 -38.93 -17.64 10.76
C GLU D 180 -39.06 -17.22 12.22
N GLN D 181 -38.09 -17.59 13.05
CA GLN D 181 -37.99 -17.07 14.41
C GLN D 181 -36.89 -16.00 14.48
N PRO D 182 -37.27 -14.71 14.31
CA PRO D 182 -36.30 -13.63 14.11
C PRO D 182 -35.39 -13.36 15.31
N ALA D 183 -35.90 -13.59 16.53
CA ALA D 183 -35.16 -13.30 17.75
C ALA D 183 -34.07 -14.33 18.08
N LEU D 184 -34.23 -15.54 17.55
CA LEU D 184 -33.29 -16.64 17.82
C LEU D 184 -32.13 -16.69 16.82
N ASN D 185 -30.96 -17.10 17.31
CA ASN D 185 -29.75 -17.22 16.48
C ASN D 185 -29.79 -18.38 15.48
N ASP D 186 -30.11 -19.58 15.98
CA ASP D 186 -30.16 -20.78 15.13
C ASP D 186 -31.52 -20.96 14.45
N SER D 187 -32.11 -19.86 13.99
CA SER D 187 -33.41 -19.87 13.34
C SER D 187 -33.35 -20.53 11.97
N ARG D 188 -34.51 -21.03 11.52
CA ARG D 188 -34.63 -21.57 10.18
C ARG D 188 -35.16 -20.51 9.22
N TYR D 189 -34.94 -20.73 7.93
CA TYR D 189 -35.28 -19.73 6.92
C TYR D 189 -36.49 -20.14 6.08
N ALA D 190 -37.06 -19.16 5.36
CA ALA D 190 -38.13 -19.40 4.41
C ALA D 190 -37.98 -18.45 3.23
N LEU D 191 -38.37 -18.92 2.04
CA LEU D 191 -38.20 -18.14 0.81
C LEU D 191 -39.40 -18.34 -0.10
N SER D 192 -39.85 -17.28 -0.76
CA SER D 192 -41.03 -17.36 -1.64
C SER D 192 -40.75 -16.95 -3.08
N SER D 193 -41.56 -17.47 -4.00
CA SER D 193 -41.51 -17.06 -5.41
C SER D 193 -42.89 -17.00 -6.03
N ARG D 194 -42.99 -16.24 -7.11
CA ARG D 194 -44.25 -16.07 -7.80
C ARG D 194 -44.09 -16.35 -9.28
N LEU D 195 -45.00 -17.17 -9.82
CA LEU D 195 -45.11 -17.34 -11.25
C LEU D 195 -46.44 -16.75 -11.68
N ARG D 196 -46.37 -15.66 -12.46
CA ARG D 196 -47.57 -15.02 -12.95
C ARG D 196 -47.75 -15.33 -14.42
N VAL D 197 -48.86 -16.02 -14.71
CA VAL D 197 -49.22 -16.38 -16.09
C VAL D 197 -50.63 -15.86 -16.43
N SER D 198 -50.98 -15.86 -17.71
CA SER D 198 -52.34 -15.50 -18.14
C SER D 198 -53.33 -16.56 -17.64
N ALA D 199 -54.58 -16.16 -17.46
CA ALA D 199 -55.61 -17.08 -16.98
C ALA D 199 -55.84 -18.26 -17.94
N THR D 200 -55.83 -17.98 -19.23
CA THR D 200 -56.05 -19.00 -20.27
C THR D 200 -55.02 -20.13 -20.17
N PHE D 201 -53.77 -19.76 -19.97
CA PHE D 201 -52.65 -20.69 -19.91
C PHE D 201 -52.67 -21.58 -18.67
N TRP D 202 -53.10 -21.02 -17.54
CA TRP D 202 -53.28 -21.78 -16.30
C TRP D 202 -54.47 -22.74 -16.41
N GLN D 203 -55.51 -22.32 -17.13
CA GLN D 203 -56.75 -23.09 -17.21
C GLN D 203 -56.70 -24.33 -18.10
N ASN D 204 -55.54 -24.55 -18.74
CA ASN D 204 -55.32 -25.72 -19.58
C ASN D 204 -54.93 -26.93 -18.73
N PRO D 205 -55.80 -27.96 -18.68
CA PRO D 205 -55.55 -29.14 -17.85
C PRO D 205 -54.24 -29.86 -18.17
N ARG D 206 -53.78 -29.75 -19.41
CA ARG D 206 -52.54 -30.39 -19.84
C ARG D 206 -51.29 -29.64 -19.39
N ASN D 207 -51.46 -28.40 -18.91
CA ASN D 207 -50.34 -27.59 -18.45
C ASN D 207 -49.88 -27.95 -17.05
N HIS D 208 -48.59 -28.28 -16.92
CA HIS D 208 -48.00 -28.77 -15.69
C HIS D 208 -46.99 -27.77 -15.13
N PHE D 209 -47.12 -27.48 -13.84
CA PHE D 209 -46.29 -26.47 -13.19
C PHE D 209 -45.50 -27.07 -12.04
N ARG D 210 -44.20 -26.89 -12.06
CA ARG D 210 -43.31 -27.44 -11.04
C ARG D 210 -42.36 -26.37 -10.51
N CYS D 211 -42.21 -26.35 -9.19
CA CYS D 211 -41.28 -25.44 -8.53
C CYS D 211 -40.23 -26.26 -7.80
N GLN D 212 -39.01 -26.24 -8.32
CA GLN D 212 -37.93 -26.99 -7.70
C GLN D 212 -37.02 -26.06 -6.89
N VAL D 213 -36.51 -26.59 -5.78
CA VAL D 213 -35.61 -25.84 -4.92
C VAL D 213 -34.39 -26.70 -4.63
N GLN D 214 -33.25 -26.27 -5.17
CA GLN D 214 -31.97 -26.89 -4.83
C GLN D 214 -31.57 -26.45 -3.43
N PHE D 215 -31.05 -27.40 -2.65
CA PHE D 215 -30.60 -27.12 -1.29
C PHE D 215 -29.18 -27.62 -1.13
N TYR D 216 -28.38 -26.85 -0.41
CA TYR D 216 -26.99 -27.22 -0.15
C TYR D 216 -26.78 -27.45 1.34
N GLY D 217 -26.51 -28.71 1.70
CA GLY D 217 -26.36 -29.11 3.09
C GLY D 217 -25.13 -29.97 3.35
N LEU D 218 -25.36 -31.21 3.76
CA LEU D 218 -24.30 -32.13 4.12
C LEU D 218 -23.74 -32.90 2.93
N SER D 219 -22.52 -33.40 3.11
CA SER D 219 -21.87 -34.29 2.16
C SER D 219 -22.04 -35.75 2.59
N GLU D 220 -21.66 -36.68 1.72
CA GLU D 220 -21.58 -38.10 2.06
C GLU D 220 -20.41 -38.37 3.01
N ASN D 221 -19.60 -37.35 3.26
CA ASN D 221 -18.44 -37.45 4.16
C ASN D 221 -18.65 -36.70 5.50
N ASP D 222 -19.87 -36.77 6.02
CA ASP D 222 -20.21 -36.19 7.32
C ASP D 222 -20.89 -37.23 8.21
N GLU D 223 -20.31 -37.46 9.39
CA GLU D 223 -20.86 -38.43 10.36
C GLU D 223 -22.25 -38.02 10.85
N TRP D 224 -23.18 -38.97 10.85
CA TRP D 224 -24.59 -38.69 11.15
C TRP D 224 -25.32 -39.95 11.59
N THR D 225 -25.74 -39.99 12.86
CA THR D 225 -26.65 -41.03 13.36
C THR D 225 -27.80 -40.41 14.16
N GLN D 226 -28.83 -39.96 13.45
CA GLN D 226 -30.01 -39.36 14.07
C GLN D 226 -31.31 -39.87 13.42
N ASP D 227 -32.42 -39.75 14.15
CA ASP D 227 -33.71 -40.30 13.72
C ASP D 227 -34.16 -39.82 12.34
N ARG D 228 -34.22 -38.50 12.14
CA ARG D 228 -34.55 -37.93 10.83
C ARG D 228 -33.44 -38.16 9.81
N ALA D 229 -33.78 -38.02 8.52
CA ALA D 229 -32.86 -38.35 7.43
C ALA D 229 -31.65 -37.42 7.34
N LYS D 230 -30.51 -37.98 6.92
CA LYS D 230 -29.28 -37.20 6.70
C LYS D 230 -29.49 -36.18 5.57
N PRO D 231 -29.41 -34.88 5.90
CA PRO D 231 -29.79 -33.76 5.00
C PRO D 231 -28.74 -33.38 3.94
N VAL D 232 -28.59 -34.24 2.93
CA VAL D 232 -27.61 -34.05 1.85
C VAL D 232 -28.00 -32.91 0.92
N THR D 233 -27.04 -32.44 0.12
CA THR D 233 -27.30 -31.51 -0.99
C THR D 233 -28.27 -32.16 -1.97
N GLN D 234 -29.50 -31.64 -2.01
CA GLN D 234 -30.60 -32.27 -2.72
C GLN D 234 -31.59 -31.28 -3.33
N ILE D 235 -32.45 -31.80 -4.21
CA ILE D 235 -33.50 -31.03 -4.86
C ILE D 235 -34.84 -31.43 -4.24
N VAL D 236 -35.64 -30.43 -3.88
CA VAL D 236 -37.00 -30.67 -3.39
C VAL D 236 -37.97 -29.87 -4.25
N SER D 237 -39.04 -30.50 -4.71
CA SER D 237 -39.99 -29.85 -5.61
C SER D 237 -41.45 -30.07 -5.20
N ALA D 238 -42.33 -29.24 -5.77
CA ALA D 238 -43.78 -29.41 -5.68
C ALA D 238 -44.39 -29.11 -7.04
N GLU D 239 -45.53 -29.73 -7.33
CA GLU D 239 -46.14 -29.58 -8.64
C GLU D 239 -47.66 -29.34 -8.61
N ALA D 240 -48.16 -28.77 -9.70
CA ALA D 240 -49.60 -28.58 -9.91
C ALA D 240 -49.97 -28.58 -11.39
N TRP D 241 -51.11 -29.19 -11.71
CA TRP D 241 -51.72 -29.11 -13.04
C TRP D 241 -52.84 -28.07 -13.01
N GLY D 242 -53.19 -27.54 -14.19
CA GLY D 242 -54.21 -26.50 -14.29
C GLY D 242 -55.64 -26.99 -14.19
N ARG D 243 -56.57 -26.07 -13.93
CA ARG D 243 -58.00 -26.37 -13.79
C ARG D 243 -58.85 -25.58 -14.78
N ALA D 244 -59.97 -26.16 -15.22
CA ALA D 244 -60.88 -25.51 -16.19
C ALA D 244 -62.08 -24.82 -15.54
N ASP D 245 -62.73 -25.52 -14.60
CA ASP D 245 -63.94 -25.07 -13.90
C ASP D 245 -65.23 -25.12 -14.74
C1 NAG E . 13.28 13.46 -20.35
C2 NAG E . 12.10 13.34 -21.31
C3 NAG E . 12.17 12.00 -22.02
C4 NAG E . 13.56 11.77 -22.67
C5 NAG E . 14.68 12.15 -21.69
C6 NAG E . 16.07 12.16 -22.32
C7 NAG E . 10.11 14.64 -20.64
C8 NAG E . 8.84 14.63 -19.82
N2 NAG E . 10.84 13.52 -20.59
O3 NAG E . 11.16 11.94 -23.00
O4 NAG E . 13.69 10.41 -23.07
O5 NAG E . 14.45 13.43 -21.12
O6 NAG E . 17.06 12.24 -21.31
O7 NAG E . 10.40 15.63 -21.30
C1 NAG E . 13.49 10.29 -24.49
C2 NAG E . 14.37 9.20 -25.10
C3 NAG E . 14.18 9.14 -26.61
C4 NAG E . 12.69 9.06 -26.98
C5 NAG E . 11.88 10.10 -26.22
C6 NAG E . 10.37 9.96 -26.48
C7 NAG E . 16.55 8.60 -24.15
C8 NAG E . 17.97 9.03 -23.94
N2 NAG E . 15.76 9.47 -24.80
O3 NAG E . 14.87 8.02 -27.12
O4 NAG E . 12.54 9.23 -28.38
O5 NAG E . 12.14 10.01 -24.82
O6 NAG E . 9.71 9.44 -25.35
O7 NAG E . 16.15 7.50 -23.74
C1 AGH F . 3.64 6.32 -5.83
C2 AGH F . 5.15 6.12 -5.84
C3 AGH F . 5.48 4.70 -6.29
C4 AGH F . 6.95 4.47 -6.63
C5 AGH F . 7.86 4.45 -5.40
C6 AGH F . 9.20 3.78 -5.69
O3 AGH F . 5.05 3.80 -5.24
C18 AGH F . 14.38 -5.19 -3.75
C17 AGH F . 14.02 -4.15 -4.79
C16 AGH F . 15.22 -3.85 -5.69
C15 AGH F . 15.53 -2.35 -5.72
C14 AGH F . 15.21 -1.78 -7.10
C13 AGH F . 14.14 -0.70 -7.05
C12 AGH F . 14.78 0.68 -7.21
C11 AGH F . 13.79 1.69 -7.75
C10 AGH F . 13.21 2.54 -6.63
C9 AGH F . 12.26 3.59 -7.19
C8 AGH F . 11.59 4.36 -6.07
C7 AGH F . 10.16 4.71 -6.42
O4 AGH F . 7.06 3.24 -7.35
O1A AGH F . 3.11 6.06 -7.12
C1A AGH F . 1.68 6.02 -7.10
O6A AGH F . 1.10 7.30 -6.82
C5M AGH F . 1.36 8.35 -7.76
C6A AGH F . 0.58 9.58 -7.33
O5A AGH F . 1.43 10.45 -6.59
C4A AGH F . 1.01 7.94 -9.20
O4A AGH F . -0.40 8.02 -9.43
C3A AGH F . 1.55 6.54 -9.53
O3A AGH F . 1.04 6.11 -10.80
C2A AGH F . 1.16 5.54 -8.45
O2A AGH F . 1.71 4.24 -8.73
N2 AGH F . 5.68 7.03 -6.85
CAA AGH F . 5.94 8.31 -6.59
OAA AGH F . 5.76 8.81 -5.50
CAB AGH F . 6.49 9.12 -7.75
CAC AGH F . 7.66 10.01 -7.34
CAD AGH F . 8.97 9.26 -7.37
CAE AGH F . 10.17 10.19 -7.17
CAF AGH F . 11.48 9.40 -7.15
CAG AGH F . 12.34 9.84 -5.97
CAH AGH F . 13.60 10.57 -6.42
CAI AGH F . 14.22 11.37 -5.26
CAJ AGH F . 15.16 10.52 -4.40
CAK AGH F . 15.96 11.37 -3.41
CAL AGH F . 15.25 11.57 -2.07
CAM AGH F . 14.74 12.99 -1.94
CAN AGH F . 15.21 13.65 -0.65
CAO AGH F . 14.36 14.87 -0.34
CAP AGH F . 15.10 16.17 -0.63
CAQ AGH F . 14.41 17.04 -1.68
CAR AGH F . 15.22 18.30 -2.00
CAS AGH F . 14.50 19.21 -2.99
CAT AGH F . 15.09 19.14 -4.39
CAU AGH F . 14.27 18.23 -5.29
CAV AGH F . 14.30 18.66 -6.76
CAW AGH F . 15.43 17.97 -7.52
CAX AGH F . 14.94 16.76 -8.32
CAY AGH F . 15.55 15.47 -7.81
CAZ AGH F . 14.49 14.40 -7.64
C1 NAG G . 13.74 -5.93 13.62
C2 NAG G . 13.54 -6.84 14.84
C3 NAG G . 13.64 -6.09 16.16
C4 NAG G . 14.91 -5.24 16.23
C5 NAG G . 15.04 -4.38 14.96
C6 NAG G . 16.40 -3.67 14.93
C7 NAG G . 12.13 -8.82 14.43
C8 NAG G . 13.36 -9.67 14.24
N2 NAG G . 12.26 -7.52 14.72
O3 NAG G . 13.66 -7.03 17.20
O4 NAG G . 14.90 -4.43 17.39
O5 NAG G . 14.93 -5.16 13.77
O6 NAG G . 17.30 -4.37 14.09
O7 NAG G . 11.02 -9.34 14.33
C1 NAG H . 10.33 5.83 10.45
C2 NAG H . 9.99 4.84 11.57
C3 NAG H . 8.78 3.98 11.21
C4 NAG H . 7.59 4.88 10.95
C5 NAG H . 7.98 5.82 9.80
C6 NAG H . 6.88 6.81 9.45
C7 NAG H . 11.96 4.28 12.86
C8 NAG H . 13.07 3.30 13.07
N2 NAG H . 11.11 3.99 11.88
O3 NAG H . 8.50 3.09 12.25
O4 NAG H . 6.42 4.11 10.68
O5 NAG H . 9.14 6.56 10.13
O6 NAG H . 7.18 7.36 8.20
O7 NAG H . 11.88 5.29 13.56
#